data_2IUQ
#
_entry.id   2IUQ
#
_cell.length_a   71.139
_cell.length_b   89.028
_cell.length_c   80.727
_cell.angle_alpha   90.00
_cell.angle_beta   90.10
_cell.angle_gamma   90.00
#
_symmetry.space_group_name_H-M   'P 1 21 1'
#
loop_
_entity.id
_entity.type
_entity.pdbx_description
1 polymer 'AROMATIC AMINE DEHYDROGENASE ALPHA SUBUNIT'
2 polymer 'AROMATIC AMINE DEHYDROGENASE BETA SUBUNIT'
3 non-polymer 2-(1H-INDOL-3-YL)ETHANAMINE
4 water water
#
loop_
_entity_poly.entity_id
_entity_poly.type
_entity_poly.pdbx_seq_one_letter_code
_entity_poly.pdbx_strand_id
1 'polypeptide(L)'
;REVLTGGHSVSAPQENRIYVMDSVFMHLTESRVHVYDYTNGKFLGMVPTAFNGHVQVSNDGKKIYTMTTYHERITRGKRS
DVVEVWDADKLTFEKEISLPPKRVQGLNYDGLFRQTTDGKFIVLQNASPATSIGIVDVAKGDYVEDVTAAAGCWSVIPQP
NRPRSFMTICGDGGLLTINLGEDGKVASQSRSKQMFSVKDDPIFIAPALDKDKAHFVSYYGNVYSADFSGDEVKVDGPWS
LLNDEDKAKNWVPGGYNLVGLHRASGRMYVFMHPDGKEGTHKFPAAEIWVMDTKTKQRVARIPGRDALSMTIDQQRNLML
TLDGGNVNVYDISQPEPKLLRTIEGAAEASLQVQFHPVGGT
;
A,B
2 'polypeptide(L)'
;AGGGGSSSGADHISLNPDLANEDEVNSCDYWRHCAVDGFLCSCCGGTTTTCPPGSTPSPIS(TRQ)IGTCHNPHDGKDYL
ISYHDCCGKTACGRCQCNTQTRERPGYEFFLHNDVNWCMANENSTFHCTTSVLVGLAKN
;
D,H
#
# COMPACT_ATOMS: atom_id res chain seq x y z
N ARG A 1 1.31 -38.20 -1.06
CA ARG A 1 0.90 -36.96 -1.78
C ARG A 1 0.44 -35.87 -0.80
N GLU A 2 1.16 -34.75 -0.78
CA GLU A 2 0.89 -33.67 0.17
C GLU A 2 -0.44 -32.99 -0.13
N VAL A 3 -1.09 -32.49 0.90
CA VAL A 3 -2.35 -31.78 0.74
C VAL A 3 -2.30 -30.43 1.46
N LEU A 4 -2.56 -29.37 0.70
CA LEU A 4 -2.66 -28.02 1.27
C LEU A 4 -3.94 -27.89 2.09
N THR A 5 -3.81 -27.34 3.30
CA THR A 5 -4.97 -27.10 4.16
C THR A 5 -4.96 -25.68 4.69
N GLY A 6 -6.18 -25.19 4.96
CA GLY A 6 -6.40 -23.99 5.75
C GLY A 6 -7.02 -24.34 7.10
N GLY A 7 -7.55 -23.33 7.79
CA GLY A 7 -8.22 -23.54 9.06
C GLY A 7 -7.30 -23.63 10.28
N HIS A 8 -6.02 -23.31 10.11
CA HIS A 8 -5.02 -23.51 11.15
C HIS A 8 -4.99 -22.37 12.15
N SER A 9 -4.56 -22.67 13.36
CA SER A 9 -4.37 -21.66 14.40
C SER A 9 -2.94 -21.18 14.47
N VAL A 10 -2.75 -20.02 15.08
CA VAL A 10 -1.43 -19.45 15.26
C VAL A 10 -0.56 -20.45 16.01
N SER A 11 0.69 -20.56 15.58
CA SER A 11 1.53 -21.71 15.96
C SER A 11 2.22 -21.59 17.33
N ALA A 12 2.22 -20.40 17.90
CA ALA A 12 2.87 -20.14 19.18
C ALA A 12 1.81 -19.82 20.22
N PRO A 13 2.08 -20.08 21.51
CA PRO A 13 1.08 -19.80 22.53
C PRO A 13 0.79 -18.31 22.66
N GLN A 14 -0.40 -17.99 23.15
CA GLN A 14 -0.85 -16.59 23.30
C GLN A 14 0.17 -15.76 24.06
N GLU A 15 0.78 -16.35 25.09
CA GLU A 15 1.68 -15.61 25.96
C GLU A 15 2.96 -15.17 25.22
N ASN A 16 3.22 -15.70 24.02
CA ASN A 16 4.39 -15.31 23.22
C ASN A 16 4.09 -14.15 22.25
N ARG A 17 2.81 -13.79 22.11
CA ARG A 17 2.39 -12.97 20.95
C ARG A 17 2.41 -11.49 21.25
N ILE A 18 2.85 -10.74 20.26
CA ILE A 18 2.72 -9.27 20.23
C ILE A 18 2.08 -8.83 18.92
N TYR A 19 1.56 -7.60 18.92
CA TYR A 19 0.76 -7.08 17.84
C TYR A 19 1.33 -5.75 17.44
N VAL A 20 1.85 -5.69 16.21
CA VAL A 20 2.47 -4.49 15.65
C VAL A 20 1.51 -3.89 14.65
N MET A 21 0.98 -2.73 15.00
CA MET A 21 -0.02 -2.09 14.17
C MET A 21 0.66 -1.29 13.08
N ASP A 22 0.65 -1.82 11.84
CA ASP A 22 1.34 -1.17 10.74
C ASP A 22 0.38 -0.28 9.97
N SER A 23 0.57 1.03 10.10
CA SER A 23 -0.28 1.97 9.38
C SER A 23 -0.03 1.91 7.87
N VAL A 24 1.17 1.51 7.45
CA VAL A 24 1.53 1.55 6.03
C VAL A 24 1.13 2.89 5.42
N PHE A 25 1.63 3.95 6.04
CA PHE A 25 1.22 5.31 5.68
C PHE A 25 1.36 5.58 4.15
N MET A 26 2.39 5.04 3.52
CA MET A 26 2.55 5.25 2.07
C MET A 26 1.40 4.67 1.27
N HIS A 27 0.76 3.63 1.84
CA HIS A 27 -0.39 2.99 1.22
C HIS A 27 -1.44 2.70 2.30
N LEU A 28 -1.93 3.78 2.86
CA LEU A 28 -2.68 3.76 4.11
C LEU A 28 -4.04 3.00 4.01
N THR A 29 -4.53 2.78 2.79
CA THR A 29 -5.71 1.91 2.61
C THR A 29 -5.43 0.44 2.82
N GLU A 30 -4.15 0.06 2.94
CA GLU A 30 -3.79 -1.36 3.24
C GLU A 30 -2.99 -1.51 4.55
N SER A 31 -3.44 -0.78 5.58
CA SER A 31 -2.94 -0.97 6.94
C SER A 31 -3.22 -2.40 7.41
N ARG A 32 -2.43 -2.88 8.36
CA ARG A 32 -2.64 -4.22 8.91
C ARG A 32 -1.98 -4.34 10.24
N VAL A 33 -2.40 -5.36 11.01
CA VAL A 33 -1.73 -5.79 12.23
C VAL A 33 -0.81 -6.98 11.92
N HIS A 34 0.47 -6.87 12.29
CA HIS A 34 1.38 -8.01 12.19
C HIS A 34 1.53 -8.66 13.54
N VAL A 35 1.40 -9.98 13.56
CA VAL A 35 1.50 -10.77 14.81
C VAL A 35 2.84 -11.45 14.86
N TYR A 36 3.58 -11.19 15.94
CA TYR A 36 4.94 -11.71 16.11
C TYR A 36 5.06 -12.49 17.41
N ASP A 37 6.01 -13.44 17.42
CA ASP A 37 6.46 -14.10 18.67
C ASP A 37 7.66 -13.29 19.22
N TYR A 38 7.51 -12.67 20.40
CA TYR A 38 8.57 -11.82 20.91
C TYR A 38 9.76 -12.62 21.40
N THR A 39 9.57 -13.93 21.66
CA THR A 39 10.68 -14.76 22.19
C THR A 39 11.72 -15.10 21.15
N ASN A 40 11.33 -15.12 19.87
CA ASN A 40 12.22 -15.55 18.80
C ASN A 40 12.09 -14.74 17.49
N GLY A 41 11.22 -13.73 17.48
CA GLY A 41 11.07 -12.86 16.28
C GLY A 41 10.29 -13.43 15.12
N LYS A 42 9.69 -14.60 15.29
CA LYS A 42 8.97 -15.26 14.21
C LYS A 42 7.66 -14.53 13.89
N PHE A 43 7.42 -14.32 12.60
CA PHE A 43 6.13 -13.82 12.11
C PHE A 43 5.07 -14.92 12.19
N LEU A 44 3.97 -14.62 12.87
CA LEU A 44 2.92 -15.61 13.18
C LEU A 44 1.66 -15.45 12.30
N GLY A 45 1.41 -14.25 11.80
CA GLY A 45 0.21 -14.01 11.02
C GLY A 45 -0.13 -12.53 10.99
N MET A 46 -1.30 -12.21 10.47
CA MET A 46 -1.69 -10.81 10.34
C MET A 46 -3.17 -10.66 10.21
N VAL A 47 -3.66 -9.45 10.47
CA VAL A 47 -5.07 -9.11 10.28
C VAL A 47 -5.15 -7.84 9.43
N PRO A 48 -5.83 -7.92 8.27
CA PRO A 48 -5.97 -6.72 7.39
C PRO A 48 -6.92 -5.73 8.01
N THR A 49 -6.58 -4.43 7.95
CA THR A 49 -7.40 -3.38 8.60
C THR A 49 -7.64 -2.15 7.70
N ALA A 50 -7.61 -2.35 6.38
CA ALA A 50 -8.12 -1.35 5.42
C ALA A 50 -7.51 0.04 5.70
N PHE A 51 -8.32 1.09 5.70
CA PHE A 51 -7.80 2.45 5.83
C PHE A 51 -7.56 2.83 7.30
N ASN A 52 -6.30 3.01 7.68
CA ASN A 52 -5.95 3.49 9.02
C ASN A 52 -6.61 2.69 10.10
N GLY A 53 -6.31 1.41 10.13
CA GLY A 53 -6.81 0.55 11.21
C GLY A 53 -6.26 0.89 12.58
N HIS A 54 -7.08 0.63 13.61
CA HIS A 54 -6.65 0.59 15.00
C HIS A 54 -6.94 -0.82 15.55
N VAL A 55 -6.23 -1.21 16.60
CA VAL A 55 -6.33 -2.58 17.12
C VAL A 55 -6.17 -2.63 18.62
N GLN A 56 -6.82 -3.64 19.21
CA GLN A 56 -6.57 -4.02 20.60
C GLN A 56 -6.95 -5.47 20.74
N VAL A 57 -6.43 -6.13 21.76
CA VAL A 57 -6.82 -7.50 22.07
C VAL A 57 -7.79 -7.48 23.24
N SER A 58 -8.84 -8.32 23.18
CA SER A 58 -9.78 -8.37 24.28
C SER A 58 -9.06 -8.71 25.59
N ASN A 59 -9.56 -8.18 26.71
CA ASN A 59 -8.91 -8.41 27.98
C ASN A 59 -8.80 -9.90 28.35
N ASP A 60 -9.79 -10.71 27.93
CA ASP A 60 -9.73 -12.14 28.18
C ASP A 60 -8.82 -12.92 27.22
N GLY A 61 -8.22 -12.22 26.25
CA GLY A 61 -7.27 -12.84 25.36
C GLY A 61 -7.84 -13.63 24.18
N LYS A 62 -9.16 -13.70 24.07
CA LYS A 62 -9.79 -14.60 23.10
C LYS A 62 -10.02 -13.95 21.74
N LYS A 63 -10.15 -12.64 21.71
CA LYS A 63 -10.51 -11.94 20.46
C LYS A 63 -9.60 -10.76 20.19
N ILE A 64 -9.50 -10.42 18.90
CA ILE A 64 -8.85 -9.18 18.45
C ILE A 64 -9.95 -8.25 17.96
N TYR A 65 -9.90 -7.00 18.43
CA TYR A 65 -10.82 -5.96 17.96
C TYR A 65 -10.06 -5.01 17.04
N THR A 66 -10.62 -4.74 15.87
CA THR A 66 -10.08 -3.70 15.01
C THR A 66 -11.14 -2.63 14.79
N MET A 67 -10.67 -1.45 14.44
CA MET A 67 -11.53 -0.35 14.05
C MET A 67 -11.01 0.22 12.72
N THR A 68 -11.90 0.42 11.77
CA THR A 68 -11.46 0.88 10.45
C THR A 68 -12.58 1.56 9.67
N THR A 69 -12.21 2.07 8.48
CA THR A 69 -13.13 2.74 7.59
C THR A 69 -13.09 2.09 6.23
N TYR A 70 -14.26 1.84 5.68
CA TYR A 70 -14.43 1.38 4.29
C TYR A 70 -15.22 2.41 3.51
N HIS A 71 -15.03 2.46 2.18
CA HIS A 71 -15.99 3.09 1.24
C HIS A 71 -16.32 2.11 0.15
N GLU A 72 -17.50 2.25 -0.44
CA GLU A 72 -17.97 1.27 -1.44
C GLU A 72 -16.98 1.08 -2.57
N ARG A 73 -16.32 2.17 -2.97
CA ARG A 73 -15.30 2.11 -4.01
C ARG A 73 -13.98 2.75 -3.56
N ILE A 74 -13.71 2.63 -2.26
CA ILE A 74 -12.44 3.06 -1.61
C ILE A 74 -12.25 4.57 -1.58
N THR A 75 -12.08 5.15 -2.76
CA THR A 75 -11.90 6.59 -2.88
C THR A 75 -13.16 7.34 -3.27
N ARG A 76 -14.26 6.61 -3.43
CA ARG A 76 -15.59 7.17 -3.64
C ARG A 76 -16.63 6.19 -3.10
N GLY A 77 -17.88 6.65 -3.01
CA GLY A 77 -18.96 5.83 -2.52
C GLY A 77 -19.19 5.99 -1.02
N LYS A 78 -20.20 5.28 -0.52
CA LYS A 78 -20.63 5.45 0.85
C LYS A 78 -19.60 4.94 1.84
N ARG A 79 -19.45 5.68 2.93
CA ARG A 79 -18.54 5.36 4.05
C ARG A 79 -19.21 4.41 5.03
N SER A 80 -18.43 3.45 5.52
CA SER A 80 -18.80 2.60 6.63
C SER A 80 -17.64 2.53 7.63
N ASP A 81 -17.83 3.14 8.79
CA ASP A 81 -16.90 2.98 9.94
C ASP A 81 -17.37 1.80 10.77
N VAL A 82 -16.42 0.95 11.19
CA VAL A 82 -16.76 -0.29 11.89
C VAL A 82 -15.77 -0.64 12.98
N VAL A 83 -16.23 -1.46 13.93
CA VAL A 83 -15.37 -2.31 14.74
C VAL A 83 -15.56 -3.72 14.22
N GLU A 84 -14.47 -4.46 14.09
CA GLU A 84 -14.54 -5.87 13.73
C GLU A 84 -14.01 -6.69 14.88
N VAL A 85 -14.69 -7.83 15.10
CA VAL A 85 -14.24 -8.82 16.08
C VAL A 85 -13.67 -10.00 15.32
N TRP A 86 -12.42 -10.36 15.65
CA TRP A 86 -11.68 -11.44 15.01
C TRP A 86 -11.31 -12.47 16.06
N ASP A 87 -11.25 -13.74 15.68
CA ASP A 87 -10.73 -14.75 16.59
C ASP A 87 -9.23 -14.61 16.74
N ALA A 88 -8.75 -14.62 17.97
CA ALA A 88 -7.33 -14.39 18.21
C ALA A 88 -6.47 -15.56 17.78
N ASP A 89 -6.99 -16.79 17.84
CA ASP A 89 -6.16 -17.93 17.51
C ASP A 89 -6.23 -18.34 16.04
N LYS A 90 -7.40 -18.17 15.43
CA LYS A 90 -7.57 -18.50 14.01
C LYS A 90 -7.32 -17.30 13.09
N LEU A 91 -7.24 -16.09 13.67
CA LEU A 91 -7.06 -14.82 12.92
C LEU A 91 -8.08 -14.72 11.78
N THR A 92 -9.33 -14.99 12.13
CA THR A 92 -10.45 -14.94 11.19
C THR A 92 -11.49 -13.91 11.64
N PHE A 93 -12.19 -13.35 10.66
CA PHE A 93 -13.23 -12.39 10.90
C PHE A 93 -14.46 -13.08 11.44
N GLU A 94 -15.07 -12.49 12.47
CA GLU A 94 -16.32 -13.02 13.04
C GLU A 94 -17.53 -12.09 12.94
N LYS A 95 -17.36 -10.81 13.26
CA LYS A 95 -18.48 -9.89 13.42
C LYS A 95 -18.05 -8.47 13.09
N GLU A 96 -18.94 -7.75 12.42
CA GLU A 96 -18.84 -6.31 12.17
C GLU A 96 -19.87 -5.58 13.01
N ILE A 97 -19.44 -4.48 13.63
CA ILE A 97 -20.29 -3.62 14.43
C ILE A 97 -20.25 -2.23 13.78
N SER A 98 -21.42 -1.74 13.37
CA SER A 98 -21.50 -0.45 12.70
C SER A 98 -21.30 0.68 13.67
N LEU A 99 -20.51 1.67 13.25
CA LEU A 99 -20.30 2.89 13.98
C LEU A 99 -20.85 4.06 13.18
N PRO A 100 -21.18 5.17 13.83
CA PRO A 100 -21.44 6.40 13.08
C PRO A 100 -20.15 6.83 12.35
N PRO A 101 -20.28 7.48 11.18
CA PRO A 101 -19.12 7.75 10.30
C PRO A 101 -18.26 8.92 10.79
N LYS A 102 -17.75 8.77 12.00
CA LYS A 102 -16.95 9.78 12.64
C LYS A 102 -15.84 9.19 13.56
N ARG A 103 -15.51 7.90 13.40
CA ARG A 103 -14.42 7.36 14.21
C ARG A 103 -13.13 8.08 13.87
N VAL A 104 -12.27 8.25 14.87
CA VAL A 104 -11.01 8.98 14.70
C VAL A 104 -10.16 8.32 13.64
N GLN A 105 -9.75 9.12 12.67
CA GLN A 105 -8.72 8.74 11.71
C GLN A 105 -7.46 9.50 12.03
N GLY A 106 -6.43 8.77 12.42
CA GLY A 106 -5.21 9.36 12.92
C GLY A 106 -4.24 8.29 13.40
N LEU A 107 -3.03 8.71 13.74
CA LEU A 107 -2.01 7.75 14.11
C LEU A 107 -2.36 7.01 15.42
N ASN A 108 -1.74 5.85 15.59
CA ASN A 108 -2.18 4.85 16.56
C ASN A 108 -1.71 5.06 18.02
N TYR A 109 -2.17 6.15 18.63
CA TYR A 109 -2.07 6.27 20.08
C TYR A 109 -2.98 5.25 20.75
N ASP A 110 -2.52 4.68 21.87
CA ASP A 110 -3.30 3.64 22.57
C ASP A 110 -4.70 4.18 22.93
N GLY A 111 -4.75 5.45 23.34
CA GLY A 111 -5.95 6.00 23.94
C GLY A 111 -7.08 6.31 22.99
N LEU A 112 -6.89 6.04 21.70
CA LEU A 112 -7.94 6.24 20.72
C LEU A 112 -8.90 5.05 20.58
N PHE A 113 -8.53 3.89 21.12
CA PHE A 113 -9.30 2.67 20.93
C PHE A 113 -8.96 1.74 22.11
N ARG A 114 -9.84 1.75 23.12
CA ARG A 114 -9.60 1.05 24.41
C ARG A 114 -10.83 0.22 24.82
N GLN A 115 -10.80 -0.33 26.02
CA GLN A 115 -11.94 -1.11 26.52
C GLN A 115 -12.03 -0.92 28.01
N THR A 116 -13.21 -1.15 28.58
CA THR A 116 -13.35 -1.10 30.02
C THR A 116 -12.58 -2.24 30.68
N THR A 117 -12.23 -2.05 31.95
CA THR A 117 -11.53 -3.07 32.70
C THR A 117 -12.23 -4.43 32.68
N ASP A 118 -13.57 -4.43 32.77
CA ASP A 118 -14.31 -5.69 32.75
C ASP A 118 -14.45 -6.31 31.35
N GLY A 119 -13.95 -5.61 30.34
CA GLY A 119 -13.95 -6.10 28.96
C GLY A 119 -15.30 -6.09 28.25
N LYS A 120 -16.33 -5.55 28.89
CA LYS A 120 -17.66 -5.66 28.31
C LYS A 120 -17.97 -4.56 27.31
N PHE A 121 -17.19 -3.48 27.34
CA PHE A 121 -17.40 -2.35 26.46
C PHE A 121 -16.10 -1.89 25.81
N ILE A 122 -16.19 -1.63 24.50
CA ILE A 122 -15.14 -0.95 23.76
C ILE A 122 -15.40 0.55 23.80
N VAL A 123 -14.35 1.31 24.00
CA VAL A 123 -14.46 2.76 24.21
C VAL A 123 -13.53 3.43 23.23
N LEU A 124 -14.08 4.22 22.31
CA LEU A 124 -13.31 4.73 21.17
C LEU A 124 -13.50 6.23 20.99
N GLN A 125 -12.50 6.88 20.39
CA GLN A 125 -12.54 8.31 20.15
C GLN A 125 -13.18 8.63 18.79
N ASN A 126 -14.13 9.57 18.78
CA ASN A 126 -14.73 10.11 17.54
C ASN A 126 -14.21 11.55 17.29
N ALA A 127 -14.22 11.94 16.03
CA ALA A 127 -13.96 13.33 15.65
C ALA A 127 -14.70 13.61 14.35
N SER A 128 -15.55 14.64 14.35
CA SER A 128 -16.40 14.91 13.18
C SER A 128 -16.24 16.28 12.44
N PRO A 129 -15.47 17.26 12.93
CA PRO A 129 -14.32 17.09 13.82
C PRO A 129 -14.64 17.34 15.30
N ALA A 130 -15.89 17.68 15.63
CA ALA A 130 -16.27 17.77 17.03
C ALA A 130 -16.02 16.43 17.68
N THR A 131 -15.51 16.44 18.90
CA THR A 131 -15.11 15.18 19.55
C THR A 131 -16.17 14.62 20.52
N SER A 132 -16.25 13.30 20.55
CA SER A 132 -17.06 12.58 21.51
C SER A 132 -16.45 11.21 21.68
N ILE A 133 -16.90 10.49 22.71
CA ILE A 133 -16.44 9.13 22.95
C ILE A 133 -17.57 8.17 22.63
N GLY A 134 -17.30 7.15 21.82
CA GLY A 134 -18.28 6.17 21.45
C GLY A 134 -18.12 4.91 22.27
N ILE A 135 -19.25 4.27 22.61
CA ILE A 135 -19.28 3.05 23.43
C ILE A 135 -19.92 1.94 22.64
N VAL A 136 -19.18 0.83 22.50
CA VAL A 136 -19.67 -0.38 21.87
C VAL A 136 -19.85 -1.48 22.92
N ASP A 137 -21.05 -2.07 22.94
CA ASP A 137 -21.37 -3.21 23.77
C ASP A 137 -20.93 -4.46 23.02
N VAL A 138 -19.91 -5.14 23.56
CA VAL A 138 -19.30 -6.28 22.88
C VAL A 138 -20.29 -7.45 22.76
N ALA A 139 -21.02 -7.75 23.83
CA ALA A 139 -21.96 -8.85 23.82
C ALA A 139 -23.10 -8.63 22.82
N LYS A 140 -23.62 -7.41 22.77
CA LYS A 140 -24.71 -7.09 21.86
C LYS A 140 -24.25 -6.86 20.43
N GLY A 141 -22.98 -6.51 20.24
CA GLY A 141 -22.49 -6.11 18.90
C GLY A 141 -23.08 -4.80 18.39
N ASP A 142 -23.26 -3.83 19.30
CA ASP A 142 -23.99 -2.59 19.00
C ASP A 142 -23.23 -1.39 19.57
N TYR A 143 -23.28 -0.28 18.84
CA TYR A 143 -22.87 1.04 19.35
C TYR A 143 -24.01 1.55 20.20
N VAL A 144 -23.75 1.73 21.49
CA VAL A 144 -24.86 1.95 22.47
C VAL A 144 -24.90 3.34 23.11
N GLU A 145 -23.82 4.11 23.00
CA GLU A 145 -23.74 5.36 23.70
C GLU A 145 -22.75 6.30 23.00
N ASP A 146 -23.08 7.58 23.00
CA ASP A 146 -22.24 8.59 22.43
C ASP A 146 -22.05 9.66 23.48
N VAL A 147 -20.84 9.74 24.04
CA VAL A 147 -20.61 10.59 25.21
C VAL A 147 -20.24 12.01 24.74
N THR A 148 -21.26 12.82 24.48
CA THR A 148 -21.06 14.19 24.01
C THR A 148 -20.50 15.10 25.10
N ALA A 149 -20.62 14.66 26.36
CA ALA A 149 -20.02 15.39 27.48
C ALA A 149 -18.51 15.54 27.33
N ALA A 150 -17.90 14.67 26.53
CA ALA A 150 -16.46 14.69 26.31
C ALA A 150 -16.04 15.62 25.15
N ALA A 151 -16.96 16.46 24.67
CA ALA A 151 -16.60 17.44 23.65
C ALA A 151 -15.46 18.31 24.15
N GLY A 152 -14.48 18.55 23.28
CA GLY A 152 -13.30 19.33 23.64
C GLY A 152 -12.25 18.56 24.42
N CYS A 153 -12.46 17.26 24.56
CA CYS A 153 -11.52 16.38 25.24
C CYS A 153 -10.93 15.43 24.22
N TRP A 154 -9.95 14.66 24.65
CA TRP A 154 -9.26 13.74 23.74
C TRP A 154 -8.65 12.58 24.49
N SER A 155 -8.92 11.40 23.94
CA SER A 155 -8.34 10.11 24.33
C SER A 155 -8.96 9.47 25.57
N VAL A 156 -8.75 8.17 25.69
CA VAL A 156 -9.44 7.36 26.68
C VAL A 156 -8.40 6.69 27.57
N ILE A 157 -8.49 6.89 28.88
CA ILE A 157 -7.60 6.24 29.87
C ILE A 157 -8.46 5.40 30.83
N PRO A 158 -8.52 4.09 30.64
CA PRO A 158 -9.34 3.25 31.51
C PRO A 158 -8.79 3.24 32.91
N GLN A 159 -9.69 3.17 33.90
CA GLN A 159 -9.29 3.01 35.30
C GLN A 159 -9.22 1.53 35.67
N PRO A 160 -8.02 0.99 35.91
CA PRO A 160 -7.93 -0.44 36.17
C PRO A 160 -8.54 -0.93 37.48
N ASN A 161 -8.93 -0.01 38.38
CA ASN A 161 -9.52 -0.37 39.67
C ASN A 161 -11.05 -0.31 39.70
N ARG A 162 -11.66 -0.06 38.55
CA ARG A 162 -13.14 -0.07 38.41
C ARG A 162 -13.55 -0.76 37.13
N PRO A 163 -14.72 -1.39 37.11
CA PRO A 163 -15.08 -2.25 35.99
C PRO A 163 -15.38 -1.54 34.69
N ARG A 164 -15.95 -0.33 34.74
CA ARG A 164 -16.46 0.36 33.53
C ARG A 164 -16.26 1.86 33.62
N SER A 165 -15.10 2.27 34.08
CA SER A 165 -14.77 3.68 34.24
C SER A 165 -13.55 4.05 33.42
N PHE A 166 -13.53 5.28 32.92
CA PHE A 166 -12.39 5.78 32.17
C PHE A 166 -12.33 7.30 32.27
N MET A 167 -11.19 7.84 31.92
CA MET A 167 -10.94 9.28 31.96
C MET A 167 -10.53 9.78 30.61
N THR A 168 -10.70 11.07 30.39
CA THR A 168 -10.25 11.73 29.17
C THR A 168 -9.68 13.09 29.51
N ILE A 169 -8.74 13.55 28.68
CA ILE A 169 -8.02 14.81 28.93
C ILE A 169 -8.74 15.94 28.22
N CYS A 170 -9.06 16.98 28.95
CA CYS A 170 -9.87 18.04 28.38
C CYS A 170 -9.11 19.33 28.14
N GLY A 171 -9.70 20.19 27.31
CA GLY A 171 -9.10 21.47 26.91
C GLY A 171 -8.90 22.47 28.04
N ASP A 172 -9.55 22.22 29.18
CA ASP A 172 -9.35 23.03 30.37
C ASP A 172 -8.14 22.58 31.23
N GLY A 173 -7.43 21.54 30.80
CA GLY A 173 -6.25 21.06 31.53
C GLY A 173 -6.60 20.10 32.65
N GLY A 174 -7.87 19.70 32.72
CA GLY A 174 -8.33 18.73 33.67
C GLY A 174 -8.74 17.43 33.01
N LEU A 175 -9.25 16.52 33.84
CA LEU A 175 -9.73 15.21 33.39
C LEU A 175 -11.20 15.08 33.62
N LEU A 176 -11.89 14.50 32.66
CA LEU A 176 -13.29 14.11 32.80
C LEU A 176 -13.33 12.61 33.00
N THR A 177 -14.00 12.17 34.05
CA THR A 177 -14.21 10.76 34.37
C THR A 177 -15.63 10.38 34.03
N ILE A 178 -15.76 9.27 33.31
CA ILE A 178 -17.04 8.70 32.93
C ILE A 178 -17.15 7.33 33.55
N ASN A 179 -18.25 7.08 34.25
CA ASN A 179 -18.54 5.77 34.78
C ASN A 179 -19.74 5.23 34.04
N LEU A 180 -19.57 4.11 33.34
CA LEU A 180 -20.66 3.54 32.56
C LEU A 180 -21.46 2.60 33.39
N GLY A 181 -22.77 2.58 33.17
CA GLY A 181 -23.59 1.52 33.75
C GLY A 181 -23.43 0.21 33.03
N GLU A 182 -24.12 -0.82 33.52
CA GLU A 182 -23.97 -2.15 32.95
C GLU A 182 -24.64 -2.26 31.57
N ASP A 183 -25.36 -1.20 31.16
CA ASP A 183 -25.92 -1.09 29.83
C ASP A 183 -25.03 -0.28 28.87
N GLY A 184 -23.88 0.19 29.35
CA GLY A 184 -23.00 0.99 28.50
C GLY A 184 -23.33 2.46 28.40
N LYS A 185 -24.45 2.87 28.99
CA LYS A 185 -24.82 4.28 29.03
C LYS A 185 -24.12 4.97 30.20
N VAL A 186 -23.88 6.27 30.07
CA VAL A 186 -23.23 6.99 31.16
C VAL A 186 -24.07 6.89 32.45
N ALA A 187 -23.47 6.38 33.52
CA ALA A 187 -24.15 6.27 34.84
C ALA A 187 -23.82 7.47 35.76
N SER A 188 -22.61 8.01 35.63
CA SER A 188 -22.21 9.22 36.30
C SER A 188 -20.93 9.74 35.71
N GLN A 189 -20.57 10.95 36.10
CA GLN A 189 -19.39 11.59 35.61
C GLN A 189 -18.88 12.58 36.61
N SER A 190 -17.63 12.98 36.44
CA SER A 190 -17.04 14.03 37.28
C SER A 190 -15.86 14.67 36.56
N ARG A 191 -15.58 15.93 36.92
CA ARG A 191 -14.46 16.68 36.38
C ARG A 191 -13.49 17.03 37.48
N SER A 192 -12.20 16.83 37.23
CA SER A 192 -11.18 17.20 38.19
C SER A 192 -10.93 18.68 38.15
N LYS A 193 -10.18 19.14 39.15
CA LYS A 193 -9.54 20.44 39.10
C LYS A 193 -8.49 20.47 37.97
N GLN A 194 -8.03 21.65 37.58
CA GLN A 194 -7.02 21.73 36.53
C GLN A 194 -5.76 20.99 36.98
N MET A 195 -5.26 20.10 36.14
CA MET A 195 -4.04 19.38 36.45
C MET A 195 -2.81 20.09 35.88
N PHE A 196 -2.91 20.54 34.62
CA PHE A 196 -1.79 21.18 33.91
C PHE A 196 -2.27 22.40 33.14
N SER A 197 -1.34 23.33 32.92
CA SER A 197 -1.61 24.45 32.04
C SER A 197 -1.48 24.06 30.59
N VAL A 198 -2.57 24.14 29.87
CA VAL A 198 -2.57 23.79 28.44
C VAL A 198 -1.61 24.67 27.65
N LYS A 199 -1.58 25.96 27.95
CA LYS A 199 -0.74 26.87 27.20
C LYS A 199 0.73 26.76 27.60
N ASP A 200 0.98 26.59 28.88
CA ASP A 200 2.33 26.77 29.42
C ASP A 200 3.11 25.47 29.60
N ASP A 201 2.41 24.36 29.81
CA ASP A 201 3.08 23.08 30.03
C ASP A 201 2.22 21.88 29.54
N PRO A 202 1.98 21.84 28.22
CA PRO A 202 1.13 20.79 27.66
C PRO A 202 1.69 19.42 27.92
N ILE A 203 0.80 18.49 28.28
CA ILE A 203 1.21 17.10 28.48
C ILE A 203 1.04 16.29 27.20
N PHE A 204 1.90 15.29 27.05
CA PHE A 204 1.64 14.15 26.17
C PHE A 204 0.42 13.36 26.67
N ILE A 205 -0.40 12.86 25.76
CA ILE A 205 -1.62 12.16 26.15
C ILE A 205 -1.36 10.77 26.68
N ALA A 206 -0.21 10.18 26.34
CA ALA A 206 0.07 8.78 26.73
C ALA A 206 0.23 8.64 28.25
N PRO A 207 -0.61 7.84 28.94
CA PRO A 207 -0.47 7.68 30.38
C PRO A 207 0.56 6.64 30.79
N ALA A 208 1.21 6.87 31.91
CA ALA A 208 1.94 5.82 32.63
C ALA A 208 0.98 5.32 33.69
N LEU A 209 0.32 4.19 33.41
CA LEU A 209 -0.90 3.83 34.09
C LEU A 209 -0.67 2.79 35.19
N ASP A 210 -1.04 3.14 36.42
CA ASP A 210 -0.99 2.22 37.55
C ASP A 210 -2.40 1.73 37.81
N LYS A 211 -2.57 0.91 38.85
CA LYS A 211 -3.88 0.37 39.15
C LYS A 211 -4.88 1.44 39.58
N ASP A 212 -4.41 2.47 40.29
CA ASP A 212 -5.29 3.48 40.90
C ASP A 212 -4.79 4.91 40.67
N LYS A 213 -3.79 5.08 39.80
CA LYS A 213 -3.33 6.40 39.42
C LYS A 213 -2.65 6.35 38.06
N ALA A 214 -2.52 7.53 37.45
CA ALA A 214 -1.85 7.68 36.15
C ALA A 214 -0.90 8.85 36.21
N HIS A 215 0.24 8.71 35.56
CA HIS A 215 1.19 9.80 35.44
C HIS A 215 1.30 10.23 33.97
N PHE A 216 1.55 11.51 33.76
CA PHE A 216 1.68 12.09 32.42
C PHE A 216 2.94 12.94 32.39
N VAL A 217 3.67 12.91 31.28
CA VAL A 217 4.83 13.78 31.12
C VAL A 217 4.52 14.93 30.16
N SER A 218 5.25 16.04 30.31
CA SER A 218 4.96 17.26 29.55
C SER A 218 6.03 17.56 28.52
N TYR A 219 5.72 18.48 27.61
CA TYR A 219 6.62 18.88 26.55
C TYR A 219 7.96 19.40 27.12
N TYR A 220 7.94 19.86 28.37
CA TYR A 220 9.13 20.44 29.00
C TYR A 220 9.74 19.57 30.07
N GLY A 221 9.29 18.32 30.14
CA GLY A 221 9.91 17.33 31.02
C GLY A 221 9.38 17.34 32.44
N ASN A 222 8.16 17.81 32.63
CA ASN A 222 7.53 17.73 33.94
C ASN A 222 6.59 16.56 34.01
N VAL A 223 6.21 16.18 35.24
CA VAL A 223 5.33 15.01 35.49
C VAL A 223 4.10 15.46 36.29
N TYR A 224 2.94 15.09 35.79
CA TYR A 224 1.66 15.32 36.47
C TYR A 224 1.03 13.96 36.84
N SER A 225 0.23 13.93 37.89
CA SER A 225 -0.40 12.68 38.33
CA SER A 225 -0.40 12.68 38.31
C SER A 225 -1.88 12.85 38.62
N ALA A 226 -2.63 11.78 38.36
CA ALA A 226 -4.06 11.75 38.63
C ALA A 226 -4.33 10.53 39.45
N ASP A 227 -4.80 10.76 40.69
CA ASP A 227 -5.09 9.67 41.61
C ASP A 227 -6.57 9.39 41.58
N PHE A 228 -6.93 8.17 41.18
CA PHE A 228 -8.34 7.77 41.10
C PHE A 228 -8.64 6.60 42.04
N SER A 229 -7.98 6.60 43.20
CA SER A 229 -8.35 5.65 44.24
C SER A 229 -9.79 5.93 44.74
N GLY A 230 -10.20 7.19 44.70
CA GLY A 230 -11.59 7.59 45.05
C GLY A 230 -12.43 7.87 43.83
N ASP A 231 -13.72 8.19 44.06
CA ASP A 231 -14.63 8.47 42.97
C ASP A 231 -14.27 9.79 42.31
N GLU A 232 -13.78 10.74 43.10
CA GLU A 232 -13.26 11.99 42.57
C GLU A 232 -11.77 11.85 42.35
N VAL A 233 -11.33 12.19 41.15
CA VAL A 233 -9.93 12.17 40.81
C VAL A 233 -9.20 13.35 41.43
N LYS A 234 -8.08 13.06 42.11
CA LYS A 234 -7.23 14.10 42.69
C LYS A 234 -5.99 14.28 41.84
N VAL A 235 -5.67 15.51 41.49
CA VAL A 235 -4.58 15.78 40.55
C VAL A 235 -3.45 16.54 41.23
N ASP A 236 -2.22 16.31 40.76
CA ASP A 236 -1.04 16.93 41.35
CA ASP A 236 -1.07 17.01 41.31
C ASP A 236 0.05 17.14 40.28
N GLY A 237 1.08 17.91 40.64
CA GLY A 237 2.19 18.20 39.74
C GLY A 237 2.26 19.68 39.45
N PRO A 238 3.42 20.12 38.95
CA PRO A 238 4.44 19.23 38.37
C PRO A 238 5.59 18.85 39.36
N TRP A 239 6.21 17.70 39.13
CA TRP A 239 7.63 17.53 39.45
C TRP A 239 8.45 17.35 38.17
N SER A 240 9.73 17.68 38.22
CA SER A 240 10.55 17.64 37.02
C SER A 240 11.27 16.31 36.90
N LEU A 241 11.29 15.78 35.69
CA LEU A 241 12.16 14.66 35.33
C LEU A 241 13.62 15.02 35.38
N LEU A 242 13.91 16.33 35.35
CA LEU A 242 15.24 16.84 35.06
C LEU A 242 15.97 17.30 36.33
N ASN A 243 17.26 16.99 36.42
CA ASN A 243 18.18 17.68 37.36
C ASN A 243 18.90 18.83 36.64
N ASP A 244 19.76 19.55 37.35
CA ASP A 244 20.39 20.74 36.76
C ASP A 244 21.26 20.42 35.55
N GLU A 245 22.01 19.31 35.62
CA GLU A 245 22.81 18.89 34.48
C GLU A 245 21.91 18.61 33.26
N ASP A 246 20.79 17.93 33.50
CA ASP A 246 19.87 17.59 32.40
C ASP A 246 19.35 18.84 31.72
N LYS A 247 19.01 19.85 32.53
CA LYS A 247 18.49 21.13 32.03
C LYS A 247 19.51 21.86 31.17
N ALA A 248 20.77 21.80 31.56
CA ALA A 248 21.85 22.46 30.81
C ALA A 248 21.94 21.97 29.36
N LYS A 249 21.60 20.70 29.14
CA LYS A 249 21.66 20.12 27.81
C LYS A 249 20.25 19.99 27.17
N ASN A 250 19.28 20.62 27.81
CA ASN A 250 17.93 20.79 27.25
C ASN A 250 17.21 19.47 26.96
N TRP A 251 17.40 18.51 27.85
CA TRP A 251 16.71 17.22 27.72
C TRP A 251 15.21 17.40 27.90
N VAL A 252 14.43 16.76 27.02
CA VAL A 252 12.96 16.79 27.12
C VAL A 252 12.44 15.46 26.60
N PRO A 253 11.18 15.12 26.91
CA PRO A 253 10.60 13.90 26.34
C PRO A 253 10.28 14.05 24.85
N GLY A 254 10.24 12.96 24.14
CA GLY A 254 9.68 12.96 22.80
C GLY A 254 9.27 11.58 22.36
N GLY A 255 8.26 11.54 21.49
CA GLY A 255 7.75 10.29 20.95
C GLY A 255 6.24 10.32 20.84
N TYR A 256 5.64 9.13 20.74
CA TYR A 256 4.22 9.00 20.55
C TYR A 256 3.63 8.27 21.75
N ASN A 257 3.64 6.94 21.71
CA ASN A 257 3.30 6.15 22.89
C ASN A 257 4.54 6.04 23.80
N LEU A 258 4.89 7.16 24.44
CA LEU A 258 6.28 7.41 24.85
C LEU A 258 6.63 7.05 26.30
N VAL A 259 5.63 6.65 27.08
CA VAL A 259 5.85 6.30 28.50
C VAL A 259 5.28 4.94 28.85
N GLY A 260 5.69 4.45 30.00
CA GLY A 260 5.19 3.21 30.52
C GLY A 260 5.46 3.12 32.00
N LEU A 261 4.72 2.26 32.70
CA LEU A 261 4.89 2.10 34.14
C LEU A 261 5.03 0.62 34.46
N HIS A 262 6.00 0.28 35.28
CA HIS A 262 6.12 -1.05 35.88
C HIS A 262 5.48 -1.00 37.26
N ARG A 263 4.30 -1.61 37.39
CA ARG A 263 3.45 -1.34 38.53
C ARG A 263 4.00 -1.88 39.85
N ALA A 264 4.70 -3.01 39.80
CA ALA A 264 5.21 -3.61 41.06
C ALA A 264 6.25 -2.71 41.74
N SER A 265 7.05 -2.02 40.94
CA SER A 265 8.16 -1.19 41.46
C SER A 265 7.82 0.30 41.48
N GLY A 266 6.85 0.71 40.67
CA GLY A 266 6.58 2.12 40.46
C GLY A 266 7.55 2.79 39.48
N ARG A 267 8.38 2.02 38.80
CA ARG A 267 9.29 2.62 37.81
C ARG A 267 8.52 3.11 36.59
N MET A 268 8.81 4.33 36.18
CA MET A 268 8.26 4.89 34.96
C MET A 268 9.35 5.06 33.91
N TYR A 269 9.03 4.69 32.69
CA TYR A 269 9.96 4.67 31.57
C TYR A 269 9.53 5.77 30.60
N VAL A 270 10.49 6.56 30.14
CA VAL A 270 10.20 7.73 29.27
C VAL A 270 11.28 7.88 28.22
N PHE A 271 10.88 8.09 26.96
CA PHE A 271 11.81 8.45 25.89
C PHE A 271 12.22 9.90 25.99
N MET A 272 13.53 10.14 25.94
CA MET A 272 14.08 11.50 26.10
C MET A 272 15.11 11.80 25.01
N HIS A 273 15.28 13.09 24.70
CA HIS A 273 16.34 13.53 23.76
C HIS A 273 16.88 14.89 24.23
N PRO A 274 18.15 15.15 23.92
CA PRO A 274 18.77 16.42 24.25
C PRO A 274 18.42 17.49 23.24
N ASP A 275 18.81 18.73 23.52
CA ASP A 275 18.63 19.84 22.57
C ASP A 275 17.15 20.05 22.22
N GLY A 276 16.31 19.93 23.23
CA GLY A 276 14.91 20.15 23.07
C GLY A 276 14.60 21.60 22.84
N LYS A 277 13.61 21.84 22.02
CA LYS A 277 13.10 23.16 21.76
C LYS A 277 11.74 22.99 21.10
N GLU A 278 11.07 24.08 20.82
CA GLU A 278 9.77 24.02 20.17
C GLU A 278 9.85 23.24 18.88
N GLY A 279 8.99 22.22 18.76
CA GLY A 279 8.91 21.40 17.57
C GLY A 279 9.59 20.03 17.68
N THR A 280 10.19 19.69 18.84
CA THR A 280 10.92 18.41 18.97
C THR A 280 10.21 17.35 19.78
N HIS A 281 8.94 17.56 20.06
CA HIS A 281 8.19 16.66 20.95
C HIS A 281 7.91 15.28 20.36
N LYS A 282 8.13 15.10 19.06
CA LYS A 282 7.97 13.77 18.44
C LYS A 282 9.31 13.20 17.92
N PHE A 283 10.43 13.72 18.42
CA PHE A 283 11.73 13.24 18.01
C PHE A 283 11.98 11.85 18.62
N PRO A 284 12.71 11.01 17.89
CA PRO A 284 13.11 9.72 18.41
C PRO A 284 13.93 9.81 19.67
N ALA A 285 13.85 8.78 20.49
CA ALA A 285 14.61 8.73 21.73
C ALA A 285 16.10 8.61 21.51
N ALA A 286 16.85 9.52 22.13
CA ALA A 286 18.28 9.33 22.36
C ALA A 286 18.50 8.37 23.54
N GLU A 287 17.63 8.46 24.56
CA GLU A 287 17.73 7.59 25.74
C GLU A 287 16.35 7.20 26.24
N ILE A 288 16.30 6.08 26.96
CA ILE A 288 15.19 5.78 27.85
C ILE A 288 15.62 6.10 29.28
N TRP A 289 14.83 6.90 29.97
CA TRP A 289 15.07 7.15 31.39
C TRP A 289 14.13 6.33 32.23
N VAL A 290 14.66 5.87 33.36
CA VAL A 290 13.91 5.07 34.30
C VAL A 290 13.78 5.89 35.57
N MET A 291 12.54 6.24 35.90
CA MET A 291 12.23 7.16 36.99
C MET A 291 11.55 6.40 38.13
N ASP A 292 11.98 6.65 39.35
CA ASP A 292 11.29 6.16 40.54
C ASP A 292 10.21 7.16 40.88
N THR A 293 8.94 6.80 40.63
CA THR A 293 7.83 7.72 40.84
C THR A 293 7.55 8.01 42.32
N LYS A 294 8.03 7.16 43.22
CA LYS A 294 7.89 7.38 44.67
C LYS A 294 8.87 8.46 45.16
N THR A 295 10.15 8.33 44.78
CA THR A 295 11.15 9.29 45.20
C THR A 295 11.21 10.50 44.27
N LYS A 296 10.60 10.36 43.09
CA LYS A 296 10.61 11.42 42.07
C LYS A 296 12.02 11.78 41.55
N GLN A 297 12.84 10.74 41.38
CA GLN A 297 14.23 10.87 40.92
C GLN A 297 14.50 9.81 39.87
N ARG A 298 15.41 10.11 38.95
CA ARG A 298 15.86 9.12 37.97
C ARG A 298 16.76 8.09 38.65
N VAL A 299 16.62 6.83 38.25
CA VAL A 299 17.48 5.73 38.76
C VAL A 299 18.42 5.18 37.71
N ALA A 300 18.03 5.25 36.42
CA ALA A 300 18.86 4.75 35.34
C ALA A 300 18.55 5.40 34.00
N ARG A 301 19.47 5.28 33.07
CA ARG A 301 19.32 5.77 31.70
C ARG A 301 20.09 4.87 30.77
N ILE A 302 19.48 4.53 29.63
CA ILE A 302 20.09 3.67 28.66
C ILE A 302 19.84 4.19 27.24
N PRO A 303 20.60 3.70 26.26
CA PRO A 303 20.41 4.16 24.89
C PRO A 303 18.98 3.92 24.38
N GLY A 304 18.48 4.85 23.60
CA GLY A 304 17.08 4.80 23.15
C GLY A 304 16.80 4.09 21.84
N ARG A 305 17.85 3.82 21.07
CA ARG A 305 17.74 3.14 19.77
C ARG A 305 16.70 3.80 18.85
N ASP A 306 16.60 5.14 18.92
CA ASP A 306 15.71 5.91 18.09
C ASP A 306 14.25 5.50 18.21
N ALA A 307 13.88 4.94 19.36
CA ALA A 307 12.49 4.50 19.56
C ALA A 307 11.52 5.66 19.69
N LEU A 308 10.28 5.40 19.34
CA LEU A 308 9.20 6.41 19.32
C LEU A 308 8.02 5.98 20.20
N SER A 309 7.78 4.66 20.28
CA SER A 309 6.68 4.10 21.08
C SER A 309 7.12 2.87 21.89
N MET A 310 6.43 2.59 23.00
CA MET A 310 6.73 1.46 23.88
C MET A 310 5.45 0.84 24.38
N THR A 311 5.60 -0.32 25.00
CA THR A 311 4.55 -0.88 25.85
C THR A 311 5.20 -1.82 26.87
N ILE A 312 4.48 -2.05 27.95
CA ILE A 312 4.98 -2.84 29.10
C ILE A 312 4.10 -4.07 29.35
N ASP A 313 4.75 -5.20 29.62
CA ASP A 313 4.07 -6.38 30.18
C ASP A 313 4.44 -6.54 31.65
N GLN A 314 3.45 -6.46 32.50
CA GLN A 314 3.67 -6.46 33.92
C GLN A 314 4.15 -7.86 34.38
N GLN A 315 3.46 -8.90 33.97
CA GLN A 315 3.69 -10.20 34.58
C GLN A 315 4.97 -10.89 34.17
N ARG A 316 5.48 -10.57 32.98
CA ARG A 316 6.77 -11.09 32.55
C ARG A 316 7.90 -10.05 32.69
N ASN A 317 7.54 -8.85 33.17
CA ASN A 317 8.54 -7.79 33.42
C ASN A 317 9.31 -7.47 32.16
N LEU A 318 8.55 -7.13 31.10
CA LEU A 318 9.11 -6.79 29.78
C LEU A 318 8.69 -5.41 29.33
N MET A 319 9.55 -4.80 28.51
CA MET A 319 9.22 -3.54 27.79
C MET A 319 9.56 -3.75 26.35
N LEU A 320 8.64 -3.40 25.45
CA LEU A 320 8.95 -3.35 24.03
C LEU A 320 9.13 -1.90 23.64
N THR A 321 10.05 -1.64 22.73
CA THR A 321 10.12 -0.34 22.10
C THR A 321 10.13 -0.48 20.58
N LEU A 322 9.78 0.59 19.90
CA LEU A 322 9.46 0.53 18.47
C LEU A 322 9.89 1.85 17.82
N ASP A 323 10.68 1.75 16.76
CA ASP A 323 11.22 2.94 16.07
C ASP A 323 10.50 3.29 14.75
N GLY A 324 9.38 2.62 14.49
CA GLY A 324 8.64 2.73 13.23
C GLY A 324 8.67 1.45 12.42
N GLY A 325 9.80 0.74 12.48
CA GLY A 325 9.99 -0.48 11.69
C GLY A 325 10.43 -1.67 12.49
N ASN A 326 11.20 -1.40 13.55
CA ASN A 326 11.83 -2.48 14.32
C ASN A 326 11.37 -2.48 15.77
N VAL A 327 11.25 -3.67 16.36
CA VAL A 327 10.81 -3.83 17.76
C VAL A 327 11.94 -4.36 18.63
N ASN A 328 12.25 -3.65 19.71
CA ASN A 328 13.24 -4.07 20.67
C ASN A 328 12.58 -4.65 21.89
N VAL A 329 13.11 -5.76 22.39
CA VAL A 329 12.58 -6.45 23.55
C VAL A 329 13.51 -6.31 24.74
N TYR A 330 13.00 -5.78 25.84
CA TYR A 330 13.79 -5.54 27.05
C TYR A 330 13.22 -6.29 28.26
N ASP A 331 14.14 -6.83 29.07
CA ASP A 331 13.84 -7.34 30.39
C ASP A 331 13.93 -6.18 31.41
N ILE A 332 12.83 -5.90 32.10
CA ILE A 332 12.81 -4.84 33.10
C ILE A 332 12.52 -5.36 34.51
N SER A 333 12.95 -6.60 34.79
CA SER A 333 12.79 -7.18 36.14
C SER A 333 13.69 -6.52 37.16
N GLN A 334 14.72 -5.83 36.70
CA GLN A 334 15.60 -5.05 37.57
C GLN A 334 15.62 -3.60 37.06
N PRO A 335 16.08 -2.64 37.87
CA PRO A 335 15.99 -1.22 37.51
C PRO A 335 16.63 -0.85 36.15
N GLU A 336 17.77 -1.44 35.80
CA GLU A 336 18.35 -1.22 34.48
C GLU A 336 17.76 -2.21 33.46
N PRO A 337 17.08 -1.71 32.42
CA PRO A 337 16.56 -2.61 31.38
C PRO A 337 17.69 -3.31 30.66
N LYS A 338 17.47 -4.57 30.27
CA LYS A 338 18.44 -5.35 29.52
C LYS A 338 17.84 -5.70 28.17
N LEU A 339 18.53 -5.33 27.08
CA LEU A 339 18.07 -5.64 25.73
C LEU A 339 18.24 -7.12 25.47
N LEU A 340 17.15 -7.80 25.12
CA LEU A 340 17.21 -9.24 24.83
C LEU A 340 17.35 -9.51 23.33
N ARG A 341 16.63 -8.74 22.51
CA ARG A 341 16.68 -8.91 21.04
C ARG A 341 15.95 -7.81 20.32
N THR A 342 16.17 -7.74 19.02
CA THR A 342 15.51 -6.79 18.15
C THR A 342 14.88 -7.58 17.01
N ILE A 343 13.62 -7.26 16.70
CA ILE A 343 12.91 -7.83 15.58
C ILE A 343 12.92 -6.82 14.44
N GLU A 344 13.71 -7.08 13.41
CA GLU A 344 13.90 -6.13 12.34
C GLU A 344 12.80 -6.27 11.30
N GLY A 345 12.31 -5.14 10.79
CA GLY A 345 11.33 -5.15 9.71
C GLY A 345 9.99 -5.72 10.13
N ALA A 346 9.60 -5.45 11.37
CA ALA A 346 8.28 -5.86 11.88
C ALA A 346 7.14 -5.05 11.22
N ALA A 347 7.47 -3.87 10.71
CA ALA A 347 6.49 -2.98 10.07
C ALA A 347 7.18 -2.02 9.14
N GLU A 348 6.42 -1.42 8.24
CA GLU A 348 6.91 -0.29 7.46
C GLU A 348 6.68 1.05 8.13
N ALA A 349 5.55 1.21 8.83
CA ALA A 349 5.21 2.48 9.48
C ALA A 349 4.29 2.22 10.67
N SER A 350 4.87 1.69 11.74
CA SER A 350 4.14 1.42 12.97
C SER A 350 4.58 2.35 14.11
N LEU A 351 3.59 2.91 14.81
CA LEU A 351 3.84 3.61 16.06
C LEU A 351 3.13 3.00 17.26
N GLN A 352 2.76 1.73 17.16
CA GLN A 352 2.08 1.05 18.25
C GLN A 352 2.34 -0.46 18.22
N VAL A 353 2.81 -0.96 19.36
CA VAL A 353 2.95 -2.39 19.59
C VAL A 353 2.28 -2.74 20.95
N GLN A 354 1.69 -3.93 21.02
CA GLN A 354 0.98 -4.38 22.21
C GLN A 354 1.23 -5.87 22.45
N PHE A 355 1.29 -6.27 23.73
CA PHE A 355 1.34 -7.68 24.09
C PHE A 355 -0.05 -8.32 24.04
N HIS A 356 -0.10 -9.61 23.76
CA HIS A 356 -1.30 -10.39 24.06
C HIS A 356 -1.50 -10.39 25.58
N PRO A 357 -2.70 -10.08 26.06
CA PRO A 357 -2.96 -10.13 27.50
C PRO A 357 -2.89 -11.56 28.04
N VAL A 358 -2.31 -11.72 29.23
CA VAL A 358 -2.20 -13.05 29.85
C VAL A 358 -2.86 -13.11 31.21
N GLY A 359 -3.24 -11.95 31.75
CA GLY A 359 -3.88 -11.86 33.08
C GLY A 359 -5.27 -12.49 33.15
N GLY A 360 -5.94 -12.60 31.99
CA GLY A 360 -7.32 -13.10 31.94
C GLY A 360 -8.31 -11.98 32.19
N ARG B 1 -7.12 35.64 1.60
CA ARG B 1 -5.75 35.94 1.07
C ARG B 1 -5.36 34.90 0.00
N GLU B 2 -4.91 33.74 0.45
CA GLU B 2 -4.79 32.60 -0.42
C GLU B 2 -5.96 31.70 -0.15
N VAL B 3 -6.42 31.02 -1.19
CA VAL B 3 -7.52 30.08 -1.04
C VAL B 3 -7.19 28.80 -1.80
N LEU B 4 -7.25 27.68 -1.09
CA LEU B 4 -7.05 26.39 -1.69
C LEU B 4 -8.21 26.08 -2.65
N THR B 5 -7.87 25.64 -3.86
CA THR B 5 -8.86 25.25 -4.85
C THR B 5 -8.56 23.89 -5.45
N GLY B 6 -9.62 23.21 -5.87
CA GLY B 6 -9.51 22.02 -6.70
C GLY B 6 -10.13 22.27 -8.07
N GLY B 7 -10.41 21.19 -8.78
CA GLY B 7 -11.01 21.28 -10.10
C GLY B 7 -10.02 21.59 -11.21
N HIS B 8 -8.73 21.47 -10.91
CA HIS B 8 -7.72 21.85 -11.90
C HIS B 8 -7.39 20.73 -12.86
N SER B 9 -6.94 21.11 -14.05
CA SER B 9 -6.47 20.18 -15.03
C SER B 9 -4.98 19.92 -14.90
N VAL B 10 -4.55 18.82 -15.50
CA VAL B 10 -3.13 18.47 -15.54
C VAL B 10 -2.34 19.64 -16.15
N SER B 11 -1.21 19.98 -15.54
CA SER B 11 -0.50 21.24 -15.85
C SER B 11 0.26 21.20 -17.21
N ALA B 12 0.65 20.03 -17.66
CA ALA B 12 1.42 19.87 -18.89
C ALA B 12 0.48 19.36 -20.00
N PRO B 13 0.74 19.69 -21.26
CA PRO B 13 -0.19 19.26 -22.31
C PRO B 13 -0.12 17.76 -22.57
N GLN B 14 -1.17 17.22 -23.19
CA GLN B 14 -1.28 15.78 -23.39
C GLN B 14 -0.04 15.20 -24.06
N GLU B 15 0.52 15.89 -25.05
CA GLU B 15 1.68 15.37 -25.79
C GLU B 15 2.95 15.18 -24.94
N ASN B 16 2.95 15.70 -23.71
CA ASN B 16 4.09 15.53 -22.78
C ASN B 16 3.90 14.33 -21.84
N ARG B 17 2.71 13.74 -21.84
CA ARG B 17 2.33 12.81 -20.74
C ARG B 17 2.62 11.36 -21.02
N ILE B 18 3.03 10.66 -19.97
CA ILE B 18 3.14 9.21 -19.97
C ILE B 18 2.45 8.64 -18.71
N TYR B 19 2.12 7.36 -18.79
CA TYR B 19 1.35 6.68 -17.76
C TYR B 19 2.11 5.48 -17.28
N VAL B 20 2.49 5.50 -15.99
CA VAL B 20 3.23 4.43 -15.36
C VAL B 20 2.29 3.65 -14.46
N MET B 21 2.01 2.42 -14.85
CA MET B 21 1.02 1.61 -14.14
C MET B 21 1.72 0.92 -12.96
N ASP B 22 1.51 1.45 -11.75
CA ASP B 22 2.22 0.94 -10.56
C ASP B 22 1.36 -0.13 -9.87
N SER B 23 1.77 -1.39 -9.97
CA SER B 23 1.05 -2.48 -9.31
C SER B 23 1.11 -2.38 -7.77
N VAL B 24 2.18 -1.79 -7.25
CA VAL B 24 2.40 -1.76 -5.81
C VAL B 24 2.17 -3.15 -5.24
N PHE B 25 2.91 -4.10 -5.76
CA PHE B 25 2.73 -5.51 -5.44
C PHE B 25 2.76 -5.75 -3.93
N MET B 26 3.63 -5.03 -3.21
CA MET B 26 3.71 -5.20 -1.74
C MET B 26 2.40 -4.82 -1.04
N HIS B 27 1.61 -3.97 -1.71
CA HIS B 27 0.29 -3.56 -1.21
C HIS B 27 -0.67 -3.45 -2.39
N LEU B 28 -0.93 -4.59 -3.00
CA LEU B 28 -1.51 -4.66 -4.31
C LEU B 28 -2.95 -4.15 -4.36
N THR B 29 -3.60 -3.99 -3.20
CA THR B 29 -4.94 -3.37 -3.15
C THR B 29 -4.93 -1.87 -3.34
N GLU B 30 -3.73 -1.26 -3.38
CA GLU B 30 -3.63 0.20 -3.60
C GLU B 30 -2.75 0.50 -4.84
N SER B 31 -2.92 -0.32 -5.87
CA SER B 31 -2.30 -0.04 -7.16
C SER B 31 -2.81 1.34 -7.68
N ARG B 32 -2.03 1.94 -8.58
CA ARG B 32 -2.41 3.24 -9.15
C ARG B 32 -1.63 3.52 -10.42
N VAL B 33 -2.17 4.44 -11.22
CA VAL B 33 -1.44 5.00 -12.38
C VAL B 33 -0.78 6.31 -11.98
N HIS B 34 0.54 6.40 -12.21
CA HIS B 34 1.25 7.67 -12.05
C HIS B 34 1.41 8.35 -13.42
N VAL B 35 1.03 9.61 -13.48
CA VAL B 35 1.12 10.41 -14.70
C VAL B 35 2.36 11.30 -14.60
N TYR B 36 3.26 11.16 -15.56
CA TYR B 36 4.52 11.90 -15.61
C TYR B 36 4.65 12.70 -16.93
N ASP B 37 5.42 13.79 -16.87
CA ASP B 37 5.84 14.55 -18.04
C ASP B 37 7.18 13.98 -18.49
N TYR B 38 7.25 13.36 -19.67
CA TYR B 38 8.50 12.70 -20.10
C TYR B 38 9.58 13.72 -20.49
N THR B 39 9.19 14.98 -20.70
CA THR B 39 10.15 15.99 -21.18
C THR B 39 11.00 16.54 -20.06
N ASN B 40 10.49 16.48 -18.82
CA ASN B 40 11.22 17.00 -17.66
C ASN B 40 11.16 16.14 -16.39
N GLY B 41 10.43 15.02 -16.44
CA GLY B 41 10.37 14.11 -15.30
C GLY B 41 9.40 14.54 -14.20
N LYS B 42 8.62 15.59 -14.43
CA LYS B 42 7.69 16.08 -13.40
C LYS B 42 6.50 15.11 -13.19
N PHE B 43 6.19 14.84 -11.92
CA PHE B 43 4.96 14.14 -11.54
C PHE B 43 3.75 15.06 -11.72
N LEU B 44 2.76 14.58 -12.48
CA LEU B 44 1.62 15.39 -12.89
C LEU B 44 0.32 15.03 -12.19
N GLY B 45 0.20 13.78 -11.74
CA GLY B 45 -1.02 13.33 -11.09
C GLY B 45 -1.10 11.82 -11.06
N MET B 46 -2.25 11.31 -10.63
CA MET B 46 -2.40 9.88 -10.50
C MET B 46 -3.87 9.49 -10.53
N VAL B 47 -4.10 8.22 -10.85
CA VAL B 47 -5.45 7.64 -10.82
C VAL B 47 -5.41 6.37 -9.96
N PRO B 48 -6.20 6.33 -8.87
CA PRO B 48 -6.22 5.15 -8.01
C PRO B 48 -6.92 3.98 -8.69
N THR B 49 -6.35 2.79 -8.58
CA THR B 49 -6.92 1.60 -9.30
C THR B 49 -7.04 0.34 -8.42
N ALA B 50 -7.22 0.53 -7.11
CA ALA B 50 -7.62 -0.54 -6.21
C ALA B 50 -6.76 -1.80 -6.42
N PHE B 51 -7.36 -2.99 -6.48
CA PHE B 51 -6.58 -4.23 -6.54
C PHE B 51 -6.12 -4.54 -7.97
N ASN B 52 -4.81 -4.57 -8.19
CA ASN B 52 -4.24 -4.93 -9.50
C ASN B 52 -4.92 -4.21 -10.67
N GLY B 53 -4.86 -2.89 -10.68
CA GLY B 53 -5.39 -2.12 -11.80
C GLY B 53 -4.65 -2.39 -13.10
N HIS B 54 -5.39 -2.28 -14.20
CA HIS B 54 -4.82 -2.19 -15.56
C HIS B 54 -5.30 -0.86 -16.17
N VAL B 55 -4.58 -0.36 -17.17
CA VAL B 55 -4.84 0.96 -17.69
C VAL B 55 -4.55 1.06 -19.19
N GLN B 56 -5.34 1.88 -19.86
CA GLN B 56 -5.05 2.33 -21.24
C GLN B 56 -5.67 3.70 -21.43
N VAL B 57 -5.18 4.41 -22.46
CA VAL B 57 -5.79 5.67 -22.85
C VAL B 57 -6.63 5.47 -24.10
N SER B 58 -7.77 6.13 -24.16
CA SER B 58 -8.65 6.02 -25.33
C SER B 58 -7.88 6.46 -26.57
N ASN B 59 -8.14 5.83 -27.69
CA ASN B 59 -7.42 6.15 -28.92
C ASN B 59 -7.55 7.62 -29.29
N ASP B 60 -8.69 8.24 -28.95
CA ASP B 60 -8.93 9.67 -29.28
C ASP B 60 -8.28 10.63 -28.30
N GLY B 61 -7.69 10.09 -27.25
CA GLY B 61 -6.88 10.88 -26.32
C GLY B 61 -7.64 11.57 -25.19
N LYS B 62 -8.95 11.42 -25.17
CA LYS B 62 -9.79 12.19 -24.25
C LYS B 62 -9.96 11.53 -22.87
N LYS B 63 -9.88 10.20 -22.82
CA LYS B 63 -10.23 9.46 -21.59
C LYS B 63 -9.15 8.44 -21.20
N ILE B 64 -9.07 8.16 -19.90
CA ILE B 64 -8.28 7.04 -19.39
C ILE B 64 -9.24 5.91 -18.99
N TYR B 65 -8.97 4.72 -19.47
CA TYR B 65 -9.71 3.54 -19.06
C TYR B 65 -8.89 2.74 -18.04
N THR B 66 -9.51 2.41 -16.91
CA THR B 66 -8.92 1.46 -15.98
C THR B 66 -9.78 0.23 -15.87
N MET B 67 -9.16 -0.87 -15.44
CA MET B 67 -9.87 -2.11 -15.13
C MET B 67 -9.37 -2.55 -13.77
N THR B 68 -10.30 -2.89 -12.86
CA THR B 68 -9.90 -3.28 -11.51
C THR B 68 -10.96 -4.15 -10.86
N THR B 69 -10.66 -4.60 -9.63
CA THR B 69 -11.55 -5.41 -8.80
C THR B 69 -11.75 -4.76 -7.46
N TYR B 70 -13.02 -4.68 -7.05
CA TYR B 70 -13.39 -4.30 -5.69
C TYR B 70 -14.05 -5.51 -4.99
N HIS B 71 -14.01 -5.51 -3.64
CA HIS B 71 -14.97 -6.26 -2.82
C HIS B 71 -15.55 -5.36 -1.76
N GLU B 72 -16.75 -5.68 -1.28
CA GLU B 72 -17.46 -4.80 -0.37
C GLU B 72 -16.62 -4.42 0.86
N ARG B 73 -15.83 -5.40 1.35
CA ARG B 73 -14.98 -5.20 2.51
C ARG B 73 -13.52 -5.61 2.20
N ILE B 74 -13.15 -5.45 0.92
CA ILE B 74 -11.76 -5.65 0.39
C ILE B 74 -11.33 -7.12 0.37
N THR B 75 -11.15 -7.70 1.58
CA THR B 75 -10.75 -9.09 1.74
C THR B 75 -11.93 -10.02 2.03
N ARG B 76 -13.12 -9.46 2.06
CA ARG B 76 -14.35 -10.25 2.14
C ARG B 76 -15.49 -9.47 1.48
N GLY B 77 -16.60 -10.14 1.22
CA GLY B 77 -17.77 -9.52 0.65
C GLY B 77 -17.82 -9.65 -0.87
N LYS B 78 -18.92 -9.17 -1.44
CA LYS B 78 -19.20 -9.36 -2.85
C LYS B 78 -18.15 -8.69 -3.75
N ARG B 79 -17.79 -9.39 -4.82
CA ARG B 79 -16.83 -8.92 -5.82
C ARG B 79 -17.48 -8.08 -6.89
N SER B 80 -16.83 -6.98 -7.27
CA SER B 80 -17.21 -6.20 -8.44
C SER B 80 -15.99 -5.94 -9.33
N ASP B 81 -15.96 -6.59 -10.49
CA ASP B 81 -14.98 -6.27 -11.54
C ASP B 81 -15.55 -5.18 -12.43
N VAL B 82 -14.72 -4.21 -12.77
CA VAL B 82 -15.18 -3.04 -13.51
C VAL B 82 -14.15 -2.53 -14.51
N VAL B 83 -14.67 -1.84 -15.52
CA VAL B 83 -13.90 -0.84 -16.25
C VAL B 83 -14.37 0.53 -15.79
N GLU B 84 -13.42 1.45 -15.52
CA GLU B 84 -13.77 2.83 -15.22
C GLU B 84 -13.32 3.76 -16.33
N VAL B 85 -14.14 4.76 -16.61
CA VAL B 85 -13.77 5.83 -17.52
C VAL B 85 -13.47 7.07 -16.72
N TRP B 86 -12.25 7.61 -16.93
CA TRP B 86 -11.75 8.80 -16.25
C TRP B 86 -11.46 9.90 -17.28
N ASP B 87 -11.70 11.14 -16.93
CA ASP B 87 -11.28 12.26 -17.81
C ASP B 87 -9.79 12.41 -17.78
N ALA B 88 -9.17 12.44 -18.96
CA ALA B 88 -7.71 12.49 -19.03
C ALA B 88 -7.13 13.82 -18.49
N ASP B 89 -7.79 14.94 -18.74
CA ASP B 89 -7.24 16.22 -18.33
C ASP B 89 -7.54 16.58 -16.86
N LYS B 90 -8.70 16.16 -16.34
CA LYS B 90 -9.07 16.46 -14.97
C LYS B 90 -8.71 15.33 -14.01
N LEU B 91 -8.38 14.17 -14.55
CA LEU B 91 -8.09 12.97 -13.75
C LEU B 91 -9.17 12.69 -12.71
N THR B 92 -10.41 12.73 -13.18
CA THR B 92 -11.60 12.46 -12.38
C THR B 92 -12.38 11.28 -12.91
N PHE B 93 -13.06 10.59 -12.01
CA PHE B 93 -13.91 9.47 -12.33
C PHE B 93 -15.19 9.93 -13.00
N GLU B 94 -15.56 9.29 -14.10
CA GLU B 94 -16.80 9.61 -14.83
C GLU B 94 -17.82 8.46 -14.82
N LYS B 95 -17.39 7.24 -15.10
CA LYS B 95 -18.34 6.14 -15.31
C LYS B 95 -17.73 4.81 -14.93
N GLU B 96 -18.57 3.96 -14.35
CA GLU B 96 -18.24 2.56 -14.09
C GLU B 96 -19.03 1.67 -15.00
N ILE B 97 -18.35 0.73 -15.63
CA ILE B 97 -18.94 -0.27 -16.50
C ILE B 97 -18.74 -1.65 -15.82
N SER B 98 -19.86 -2.34 -15.56
CA SER B 98 -19.80 -3.61 -14.85
C SER B 98 -19.32 -4.75 -15.74
N LEU B 99 -18.38 -5.54 -15.22
CA LEU B 99 -17.90 -6.76 -15.86
C LEU B 99 -18.35 -8.01 -15.10
N PRO B 100 -18.36 -9.15 -15.77
CA PRO B 100 -18.51 -10.39 -15.05
C PRO B 100 -17.29 -10.58 -14.15
N PRO B 101 -17.45 -11.23 -12.99
CA PRO B 101 -16.35 -11.31 -11.99
C PRO B 101 -15.24 -12.31 -12.36
N LYS B 102 -14.62 -12.07 -13.52
CA LYS B 102 -13.58 -12.94 -14.03
C LYS B 102 -12.56 -12.20 -14.90
N ARG B 103 -12.43 -10.88 -14.72
CA ARG B 103 -11.39 -10.16 -15.48
C ARG B 103 -10.03 -10.66 -15.02
N VAL B 104 -9.07 -10.71 -15.93
CA VAL B 104 -7.73 -11.24 -15.59
C VAL B 104 -7.09 -10.45 -14.48
N GLN B 105 -6.66 -11.16 -13.45
CA GLN B 105 -5.82 -10.62 -12.40
C GLN B 105 -4.39 -11.14 -12.59
N GLY B 106 -3.48 -10.23 -12.85
CA GLY B 106 -2.13 -10.60 -13.25
C GLY B 106 -1.31 -9.39 -13.61
N LEU B 107 -0.02 -9.59 -13.83
CA LEU B 107 0.84 -8.48 -14.14
C LEU B 107 0.49 -7.81 -15.48
N ASN B 108 0.89 -6.54 -15.62
CA ASN B 108 0.36 -5.64 -16.64
C ASN B 108 1.02 -5.75 -18.04
N TYR B 109 0.85 -6.90 -18.68
CA TYR B 109 1.09 -7.02 -20.13
C TYR B 109 0.07 -6.17 -20.91
N ASP B 110 0.54 -5.45 -21.93
CA ASP B 110 -0.35 -4.64 -22.76
C ASP B 110 -1.59 -5.42 -23.21
N GLY B 111 -1.35 -6.66 -23.66
CA GLY B 111 -2.38 -7.44 -24.36
C GLY B 111 -3.54 -7.86 -23.51
N LEU B 112 -3.48 -7.63 -22.21
CA LEU B 112 -4.59 -8.03 -21.33
C LEU B 112 -5.75 -7.04 -21.29
N PHE B 113 -5.52 -5.82 -21.80
CA PHE B 113 -6.49 -4.76 -21.71
C PHE B 113 -6.23 -3.77 -22.84
N ARG B 114 -7.02 -3.91 -23.93
CA ARG B 114 -6.75 -3.20 -25.22
C ARG B 114 -8.05 -2.59 -25.77
N GLN B 115 -8.02 -2.02 -26.98
CA GLN B 115 -9.23 -1.53 -27.64
C GLN B 115 -9.13 -1.74 -29.14
N THR B 116 -10.26 -1.73 -29.81
CA THR B 116 -10.27 -1.85 -31.25
C THR B 116 -9.65 -0.60 -31.85
N THR B 117 -9.19 -0.73 -33.08
CA THR B 117 -8.58 0.39 -33.78
C THR B 117 -9.48 1.62 -33.83
N ASP B 118 -10.79 1.41 -34.03
CA ASP B 118 -11.73 2.52 -34.14
C ASP B 118 -12.14 3.14 -32.79
N GLY B 119 -11.62 2.57 -31.70
CA GLY B 119 -11.87 3.08 -30.36
C GLY B 119 -13.23 2.74 -29.78
N LYS B 120 -14.02 1.96 -30.52
CA LYS B 120 -15.44 1.79 -30.18
C LYS B 120 -15.66 0.69 -29.13
N PHE B 121 -14.74 -0.26 -29.06
CA PHE B 121 -14.83 -1.38 -28.09
C PHE B 121 -13.55 -1.53 -27.28
N ILE B 122 -13.72 -1.77 -25.98
CA ILE B 122 -12.62 -2.20 -25.14
C ILE B 122 -12.58 -3.73 -25.15
N VAL B 123 -11.40 -4.27 -25.29
CA VAL B 123 -11.22 -5.69 -25.46
C VAL B 123 -10.25 -6.19 -24.41
N LEU B 124 -10.72 -7.10 -23.56
CA LEU B 124 -9.96 -7.48 -22.36
C LEU B 124 -9.93 -8.99 -22.16
N GLN B 125 -8.92 -9.49 -21.46
CA GLN B 125 -8.79 -10.89 -21.16
C GLN B 125 -9.53 -11.30 -19.88
N ASN B 126 -10.32 -12.38 -19.98
CA ASN B 126 -11.00 -12.99 -18.84
C ASN B 126 -10.32 -14.30 -18.47
N ALA B 127 -10.41 -14.68 -17.20
CA ALA B 127 -9.92 -15.96 -16.75
C ALA B 127 -10.68 -16.38 -15.50
N SER B 128 -11.34 -17.53 -15.57
CA SER B 128 -12.26 -17.92 -14.51
C SER B 128 -11.94 -19.21 -13.70
N PRO B 129 -10.99 -20.08 -14.10
CA PRO B 129 -9.79 -19.77 -14.88
C PRO B 129 -9.96 -20.08 -16.37
N ALA B 130 -11.11 -20.62 -16.78
CA ALA B 130 -11.38 -20.77 -18.20
C ALA B 130 -11.22 -19.42 -18.86
N THR B 131 -10.54 -19.38 -20.01
CA THR B 131 -10.29 -18.09 -20.68
C THR B 131 -11.32 -17.75 -21.75
N SER B 132 -11.64 -16.47 -21.81
CA SER B 132 -12.43 -15.90 -22.89
C SER B 132 -12.02 -14.46 -23.01
N ILE B 133 -12.46 -13.80 -24.07
CA ILE B 133 -12.20 -12.37 -24.27
C ILE B 133 -13.49 -11.59 -24.03
N GLY B 134 -13.38 -10.55 -23.21
CA GLY B 134 -14.50 -9.68 -22.91
C GLY B 134 -14.55 -8.46 -23.80
N ILE B 135 -15.74 -8.08 -24.22
CA ILE B 135 -15.95 -6.93 -25.07
C ILE B 135 -16.82 -5.93 -24.37
N VAL B 136 -16.33 -4.69 -24.27
CA VAL B 136 -17.09 -3.60 -23.71
C VAL B 136 -17.42 -2.56 -24.79
N ASP B 137 -18.71 -2.21 -24.90
CA ASP B 137 -19.20 -1.20 -25.82
C ASP B 137 -19.05 0.15 -25.14
N VAL B 138 -18.08 0.92 -25.62
CA VAL B 138 -17.73 2.19 -24.99
C VAL B 138 -18.91 3.22 -25.06
N ALA B 139 -19.54 3.33 -26.23
CA ALA B 139 -20.66 4.24 -26.43
C ALA B 139 -21.83 3.93 -25.46
N LYS B 140 -22.13 2.64 -25.30
CA LYS B 140 -23.26 2.21 -24.46
C LYS B 140 -22.91 2.13 -22.96
N GLY B 141 -21.63 2.03 -22.63
CA GLY B 141 -21.22 1.80 -21.24
C GLY B 141 -21.60 0.42 -20.76
N ASP B 142 -21.55 -0.55 -21.67
CA ASP B 142 -22.09 -1.90 -21.43
C ASP B 142 -21.07 -2.96 -21.74
N TYR B 143 -21.17 -4.09 -21.04
CA TYR B 143 -20.51 -5.32 -21.44
C TYR B 143 -21.36 -5.98 -22.51
N VAL B 144 -20.72 -6.44 -23.59
CA VAL B 144 -21.44 -7.08 -24.66
C VAL B 144 -21.61 -8.57 -24.30
N GLU B 145 -20.62 -9.39 -24.63
CA GLU B 145 -20.63 -10.79 -24.27
C GLU B 145 -19.23 -11.39 -24.44
N ASP B 146 -19.01 -12.57 -23.84
CA ASP B 146 -17.73 -13.26 -23.91
C ASP B 146 -17.50 -13.71 -25.33
N VAL B 147 -16.25 -13.64 -25.75
CA VAL B 147 -15.82 -14.28 -26.95
C VAL B 147 -15.31 -15.66 -26.53
N THR B 148 -16.22 -16.62 -26.49
CA THR B 148 -15.92 -17.97 -26.03
C THR B 148 -15.06 -18.74 -27.03
N ALA B 149 -15.04 -18.28 -28.29
CA ALA B 149 -14.18 -18.87 -29.31
C ALA B 149 -12.70 -18.84 -28.90
N ALA B 150 -12.35 -17.94 -27.98
CA ALA B 150 -10.96 -17.72 -27.58
C ALA B 150 -10.52 -18.58 -26.38
N ALA B 151 -11.34 -19.55 -26.01
CA ALA B 151 -10.96 -20.51 -24.99
C ALA B 151 -9.64 -21.18 -25.33
N GLY B 152 -8.75 -21.22 -24.35
CA GLY B 152 -7.44 -21.82 -24.51
C GLY B 152 -6.46 -20.89 -25.21
N CYS B 153 -6.86 -19.63 -25.40
CA CYS B 153 -5.98 -18.62 -26.00
C CYS B 153 -5.63 -17.60 -24.93
N TRP B 154 -4.74 -16.66 -25.27
CA TRP B 154 -4.30 -15.65 -24.32
C TRP B 154 -3.88 -14.38 -25.02
N SER B 155 -4.41 -13.26 -24.51
CA SER B 155 -4.01 -11.90 -24.85
C SER B 155 -4.59 -11.40 -26.18
N VAL B 156 -4.60 -10.08 -26.30
CA VAL B 156 -5.32 -9.39 -27.37
C VAL B 156 -4.34 -8.55 -28.17
N ILE B 157 -4.27 -8.81 -29.48
CA ILE B 157 -3.46 -8.02 -30.41
C ILE B 157 -4.39 -7.40 -31.43
N PRO B 158 -4.67 -6.13 -31.28
CA PRO B 158 -5.52 -5.44 -32.25
C PRO B 158 -4.89 -5.38 -33.65
N GLN B 159 -5.71 -5.41 -34.68
CA GLN B 159 -5.25 -5.24 -36.06
C GLN B 159 -5.41 -3.78 -36.47
N PRO B 160 -4.30 -3.03 -36.55
CA PRO B 160 -4.39 -1.60 -36.83
C PRO B 160 -4.90 -1.21 -38.23
N ASN B 161 -5.04 -2.19 -39.12
CA ASN B 161 -5.55 -1.92 -40.48
C ASN B 161 -7.04 -2.16 -40.63
N ARG B 162 -7.71 -2.54 -39.54
CA ARG B 162 -9.17 -2.74 -39.53
C ARG B 162 -9.81 -2.11 -38.30
N PRO B 163 -11.06 -1.68 -38.41
CA PRO B 163 -11.73 -0.90 -37.37
C PRO B 163 -12.04 -1.68 -36.08
N ARG B 164 -12.40 -2.96 -36.20
CA ARG B 164 -12.82 -3.75 -35.02
C ARG B 164 -12.46 -5.23 -35.12
N SER B 165 -11.19 -5.48 -35.40
CA SER B 165 -10.64 -6.82 -35.48
C SER B 165 -9.41 -6.94 -34.57
N PHE B 166 -9.24 -8.12 -34.01
CA PHE B 166 -8.06 -8.42 -33.20
C PHE B 166 -7.71 -9.88 -33.26
N MET B 167 -6.51 -10.21 -32.81
CA MET B 167 -6.03 -11.58 -32.77
C MET B 167 -5.68 -11.97 -31.35
N THR B 168 -5.62 -13.28 -31.13
CA THR B 168 -5.13 -13.83 -29.87
C THR B 168 -4.27 -15.08 -30.12
N ILE B 169 -3.34 -15.33 -29.21
CA ILE B 169 -2.42 -16.48 -29.32
C ILE B 169 -3.00 -17.68 -28.66
N CYS B 170 -3.05 -18.81 -29.37
CA CYS B 170 -3.71 -20.00 -28.85
C CYS B 170 -2.74 -21.12 -28.53
N GLY B 171 -3.19 -22.06 -27.71
CA GLY B 171 -2.35 -23.15 -27.22
C GLY B 171 -1.89 -24.12 -28.31
N ASP B 172 -2.47 -24.01 -29.50
CA ASP B 172 -2.04 -24.85 -30.64
C ASP B 172 -0.88 -24.20 -31.43
N GLY B 173 -0.47 -23.00 -31.01
CA GLY B 173 0.66 -22.34 -31.62
C GLY B 173 0.28 -21.47 -32.78
N GLY B 174 -1.02 -21.28 -32.97
CA GLY B 174 -1.52 -20.40 -34.01
C GLY B 174 -2.24 -19.20 -33.43
N LEU B 175 -2.79 -18.40 -34.33
CA LEU B 175 -3.51 -17.18 -33.97
C LEU B 175 -4.97 -17.29 -34.35
N LEU B 176 -5.83 -16.86 -33.46
CA LEU B 176 -7.24 -16.74 -33.73
C LEU B 176 -7.57 -15.29 -33.99
N THR B 177 -8.26 -15.03 -35.10
CA THR B 177 -8.67 -13.70 -35.47
C THR B 177 -10.17 -13.57 -35.27
N ILE B 178 -10.56 -12.51 -34.59
CA ILE B 178 -11.95 -12.18 -34.34
C ILE B 178 -12.29 -10.89 -35.01
N ASN B 179 -13.37 -10.90 -35.79
CA ASN B 179 -13.90 -9.69 -36.38
C ASN B 179 -15.26 -9.37 -35.80
N LEU B 180 -15.37 -8.22 -35.12
CA LEU B 180 -16.62 -7.83 -34.46
C LEU B 180 -17.54 -7.12 -35.42
N GLY B 181 -18.84 -7.27 -35.19
CA GLY B 181 -19.84 -6.44 -35.86
C GLY B 181 -20.01 -5.11 -35.15
N GLU B 182 -20.90 -4.28 -35.67
CA GLU B 182 -21.12 -2.94 -35.11
C GLU B 182 -21.64 -2.97 -33.67
N ASP B 183 -22.16 -4.13 -33.24
CA ASP B 183 -22.73 -4.25 -31.89
C ASP B 183 -21.74 -4.89 -30.90
N GLY B 184 -20.54 -5.20 -31.38
CA GLY B 184 -19.51 -5.79 -30.53
C GLY B 184 -19.60 -7.28 -30.36
N LYS B 185 -20.55 -7.91 -31.05
CA LYS B 185 -20.60 -9.38 -31.11
C LYS B 185 -19.70 -9.88 -32.23
N VAL B 186 -19.31 -11.15 -32.15
CA VAL B 186 -18.45 -11.74 -33.16
C VAL B 186 -19.20 -11.86 -34.48
N ALA B 187 -18.68 -11.21 -35.52
CA ALA B 187 -19.28 -11.29 -36.87
C ALA B 187 -18.65 -12.44 -37.66
N SER B 188 -17.34 -12.59 -37.55
CA SER B 188 -16.64 -13.71 -38.15
C SER B 188 -15.33 -13.96 -37.45
N GLN B 189 -14.74 -15.10 -37.75
CA GLN B 189 -13.46 -15.45 -37.17
C GLN B 189 -12.67 -16.30 -38.14
N SER B 190 -11.38 -16.45 -37.87
CA SER B 190 -10.54 -17.38 -38.61
C SER B 190 -9.34 -17.79 -37.77
N ARG B 191 -8.78 -18.96 -38.08
CA ARG B 191 -7.63 -19.50 -37.35
C ARG B 191 -6.47 -19.77 -38.30
N SER B 192 -5.31 -19.23 -37.96
CA SER B 192 -4.12 -19.39 -38.79
C SER B 192 -3.61 -20.82 -38.71
N LYS B 193 -2.65 -21.14 -39.57
CA LYS B 193 -1.85 -22.35 -39.39
C LYS B 193 -0.94 -22.17 -38.18
N GLN B 194 -0.29 -23.24 -37.77
CA GLN B 194 0.64 -23.18 -36.64
C GLN B 194 1.78 -22.22 -36.98
N MET B 195 2.04 -21.28 -36.08
CA MET B 195 3.11 -20.30 -36.27
C MET B 195 4.40 -20.77 -35.59
N PHE B 196 4.28 -21.21 -34.33
CA PHE B 196 5.42 -21.67 -33.56
C PHE B 196 5.09 -22.97 -32.82
N SER B 197 6.13 -23.75 -32.51
CA SER B 197 5.98 -24.90 -31.65
C SER B 197 5.90 -24.48 -30.19
N VAL B 198 4.79 -24.78 -29.56
CA VAL B 198 4.58 -24.42 -28.17
C VAL B 198 5.59 -25.12 -27.26
N LYS B 199 5.93 -26.36 -27.58
CA LYS B 199 6.88 -27.11 -26.77
C LYS B 199 8.34 -26.68 -27.03
N ASP B 200 8.70 -26.52 -28.31
CA ASP B 200 10.12 -26.40 -28.68
C ASP B 200 10.60 -24.98 -28.84
N ASP B 201 9.69 -24.05 -29.11
CA ASP B 201 10.08 -22.65 -29.29
C ASP B 201 8.99 -21.66 -28.87
N PRO B 202 8.63 -21.66 -27.58
CA PRO B 202 7.54 -20.81 -27.10
C PRO B 202 7.86 -19.34 -27.35
N ILE B 203 6.86 -18.59 -27.79
CA ILE B 203 7.03 -17.15 -27.98
C ILE B 203 6.57 -16.36 -26.76
N PHE B 204 7.17 -15.18 -26.61
CA PHE B 204 6.67 -14.14 -25.69
C PHE B 204 5.40 -13.58 -26.30
N ILE B 205 4.44 -13.23 -25.47
CA ILE B 205 3.15 -12.76 -26.00
C ILE B 205 3.19 -11.32 -26.56
N ALA B 206 4.17 -10.52 -26.13
CA ALA B 206 4.25 -9.13 -26.52
C ALA B 206 4.54 -8.99 -28.03
N PRO B 207 3.63 -8.38 -28.79
CA PRO B 207 3.87 -8.21 -30.23
C PRO B 207 4.74 -7.00 -30.52
N ALA B 208 5.57 -7.12 -31.56
CA ALA B 208 6.11 -5.96 -32.23
C ALA B 208 5.18 -5.63 -33.39
N LEU B 209 4.33 -4.63 -33.22
CA LEU B 209 3.11 -4.49 -33.99
C LEU B 209 3.25 -3.43 -35.08
N ASP B 210 3.09 -3.86 -36.33
CA ASP B 210 3.01 -2.98 -37.48
C ASP B 210 1.53 -2.78 -37.87
N LYS B 211 1.29 -2.01 -38.92
CA LYS B 211 -0.08 -1.70 -39.34
C LYS B 211 -0.79 -2.92 -39.91
N ASP B 212 -0.05 -3.79 -40.58
CA ASP B 212 -0.63 -4.95 -41.25
C ASP B 212 0.10 -6.26 -40.96
N LYS B 213 1.04 -6.23 -39.99
CA LYS B 213 1.67 -7.45 -39.51
C LYS B 213 2.18 -7.28 -38.07
N ALA B 214 2.53 -8.40 -37.46
CA ALA B 214 3.07 -8.42 -36.11
C ALA B 214 4.19 -9.43 -36.01
N HIS B 215 5.25 -9.08 -35.30
CA HIS B 215 6.36 -9.96 -35.06
C HIS B 215 6.41 -10.36 -33.58
N PHE B 216 6.86 -11.57 -33.32
CA PHE B 216 7.01 -12.11 -31.96
C PHE B 216 8.38 -12.74 -31.80
N VAL B 217 8.99 -12.55 -30.64
CA VAL B 217 10.24 -13.22 -30.32
C VAL B 217 10.02 -14.42 -29.39
N SER B 218 10.94 -15.39 -29.46
CA SER B 218 10.82 -16.63 -28.72
C SER B 218 11.82 -16.73 -27.57
N TYR B 219 11.60 -17.70 -26.69
CA TYR B 219 12.47 -17.93 -25.53
C TYR B 219 13.92 -18.13 -25.96
N TYR B 220 14.12 -18.67 -27.16
CA TYR B 220 15.46 -19.00 -27.65
C TYR B 220 16.00 -18.00 -28.70
N GLY B 221 15.30 -16.88 -28.86
CA GLY B 221 15.79 -15.76 -29.67
C GLY B 221 15.46 -15.85 -31.15
N ASN B 222 14.40 -16.58 -31.47
CA ASN B 222 13.85 -16.62 -32.81
C ASN B 222 12.72 -15.63 -33.00
N VAL B 223 12.45 -15.28 -34.26
CA VAL B 223 11.39 -14.35 -34.59
C VAL B 223 10.33 -15.00 -35.45
N TYR B 224 9.06 -14.70 -35.15
CA TYR B 224 7.93 -15.17 -35.94
C TYR B 224 7.08 -14.00 -36.40
N SER B 225 6.37 -14.18 -37.52
CA SER B 225 5.59 -13.11 -38.14
C SER B 225 4.17 -13.55 -38.45
N ALA B 226 3.24 -12.62 -38.26
CA ALA B 226 1.86 -12.80 -38.69
C ALA B 226 1.46 -11.63 -39.59
N ASP B 227 1.18 -11.93 -40.85
CA ASP B 227 0.74 -10.91 -41.81
C ASP B 227 -0.78 -10.94 -41.92
N PHE B 228 -1.42 -9.83 -41.58
CA PHE B 228 -2.88 -9.71 -41.68
C PHE B 228 -3.29 -8.61 -42.65
N SER B 229 -2.50 -8.43 -43.71
CA SER B 229 -2.88 -7.53 -44.79
C SER B 229 -4.11 -8.07 -45.54
N GLY B 230 -4.23 -9.39 -45.62
CA GLY B 230 -5.42 -10.04 -46.16
C GLY B 230 -6.35 -10.52 -45.07
N ASP B 231 -7.50 -11.07 -45.46
CA ASP B 231 -8.49 -11.52 -44.49
C ASP B 231 -8.00 -12.76 -43.74
N GLU B 232 -7.26 -13.63 -44.42
CA GLU B 232 -6.61 -14.75 -43.76
C GLU B 232 -5.21 -14.34 -43.29
N VAL B 233 -4.89 -14.66 -42.04
CA VAL B 233 -3.57 -14.34 -41.50
C VAL B 233 -2.56 -15.36 -42.01
N LYS B 234 -1.44 -14.85 -42.53
CA LYS B 234 -0.36 -15.68 -43.03
C LYS B 234 0.84 -15.66 -42.06
N VAL B 235 1.26 -16.84 -41.61
CA VAL B 235 2.30 -16.94 -40.57
C VAL B 235 3.62 -17.45 -41.13
N ASP B 236 4.72 -17.09 -40.48
CA ASP B 236 6.05 -17.41 -40.95
C ASP B 236 7.06 -17.41 -39.79
N GLY B 237 8.25 -17.94 -40.06
CA GLY B 237 9.31 -18.02 -39.06
C GLY B 237 9.62 -19.46 -38.71
N PRO B 238 10.78 -19.69 -38.12
CA PRO B 238 11.56 -18.64 -37.45
C PRO B 238 12.65 -18.05 -38.33
N TRP B 239 13.07 -16.84 -37.99
CA TRP B 239 14.44 -16.40 -38.25
C TRP B 239 15.09 -15.96 -36.94
N SER B 240 16.41 -16.09 -36.86
CA SER B 240 17.13 -15.88 -35.61
C SER B 240 17.60 -14.43 -35.44
N LEU B 241 17.40 -13.89 -34.23
CA LEU B 241 17.98 -12.59 -33.85
C LEU B 241 19.51 -12.67 -33.73
N LEU B 242 20.03 -13.91 -33.70
CA LEU B 242 21.39 -14.21 -33.21
C LEU B 242 22.36 -14.53 -34.36
N ASN B 243 23.57 -13.99 -34.27
CA ASN B 243 24.71 -14.47 -35.10
C ASN B 243 25.54 -15.49 -34.32
N ASP B 244 26.61 -16.02 -34.93
CA ASP B 244 27.41 -17.09 -34.30
C ASP B 244 27.97 -16.65 -32.96
N GLU B 245 28.44 -15.40 -32.89
CA GLU B 245 29.02 -14.85 -31.66
C GLU B 245 27.94 -14.79 -30.58
N ASP B 246 26.77 -14.29 -30.96
CA ASP B 246 25.62 -14.22 -30.04
C ASP B 246 25.31 -15.59 -29.48
N LYS B 247 25.20 -16.58 -30.37
CA LYS B 247 24.90 -17.95 -29.96
C LYS B 247 25.94 -18.49 -29.01
N ALA B 248 27.22 -18.19 -29.29
CA ALA B 248 28.32 -18.67 -28.47
C ALA B 248 28.21 -18.22 -27.02
N LYS B 249 27.63 -17.04 -26.80
CA LYS B 249 27.48 -16.52 -25.42
C LYS B 249 26.03 -16.62 -24.92
N ASN B 250 25.22 -17.41 -25.63
CA ASN B 250 23.86 -17.78 -25.18
C ASN B 250 22.96 -16.58 -24.92
N TRP B 251 23.02 -15.59 -25.80
CA TRP B 251 22.11 -14.46 -25.75
C TRP B 251 20.68 -14.91 -26.06
N VAL B 252 19.74 -14.50 -25.20
CA VAL B 252 18.32 -14.72 -25.45
C VAL B 252 17.52 -13.50 -24.99
N PRO B 253 16.27 -13.38 -25.44
CA PRO B 253 15.40 -12.32 -24.96
C PRO B 253 14.99 -12.52 -23.53
N GLY B 254 14.63 -11.42 -22.86
CA GLY B 254 14.06 -11.49 -21.53
C GLY B 254 13.36 -10.22 -21.16
N GLY B 255 12.25 -10.36 -20.43
CA GLY B 255 11.48 -9.23 -19.96
C GLY B 255 9.98 -9.52 -20.00
N TYR B 256 9.18 -8.48 -19.95
CA TYR B 256 7.73 -8.61 -19.90
C TYR B 256 7.12 -7.97 -21.17
N ASN B 257 6.92 -6.67 -21.18
CA ASN B 257 6.56 -5.96 -22.42
C ASN B 257 7.85 -5.63 -23.16
N LEU B 258 8.47 -6.66 -23.75
CA LEU B 258 9.92 -6.67 -23.98
C LEU B 258 10.32 -6.31 -25.41
N VAL B 259 9.33 -6.09 -26.27
CA VAL B 259 9.62 -5.67 -27.67
C VAL B 259 8.81 -4.46 -28.12
N GLY B 260 9.23 -3.88 -29.24
CA GLY B 260 8.56 -2.75 -29.83
C GLY B 260 8.95 -2.64 -31.28
N LEU B 261 8.13 -1.97 -32.06
CA LEU B 261 8.42 -1.76 -33.48
C LEU B 261 8.25 -0.32 -33.83
N HIS B 262 9.25 0.23 -34.49
CA HIS B 262 9.18 1.54 -35.09
C HIS B 262 8.70 1.37 -36.54
N ARG B 263 7.45 1.70 -36.80
CA ARG B 263 6.76 1.25 -38.02
C ARG B 263 7.37 1.85 -39.27
N ALA B 264 7.72 3.13 -39.23
CA ALA B 264 8.25 3.82 -40.41
C ALA B 264 9.53 3.17 -40.94
N SER B 265 10.42 2.78 -40.03
CA SER B 265 11.73 2.22 -40.41
C SER B 265 11.74 0.68 -40.44
N GLY B 266 10.77 0.05 -39.80
CA GLY B 266 10.76 -1.39 -39.63
C GLY B 266 11.77 -1.92 -38.63
N ARG B 267 12.28 -1.03 -37.78
CA ARG B 267 13.20 -1.44 -36.73
C ARG B 267 12.46 -2.07 -35.54
N MET B 268 12.91 -3.23 -35.12
CA MET B 268 12.36 -3.89 -33.94
C MET B 268 13.33 -3.77 -32.77
N TYR B 269 12.79 -3.45 -31.59
CA TYR B 269 13.57 -3.28 -30.37
C TYR B 269 13.28 -4.45 -29.42
N VAL B 270 14.33 -4.99 -28.82
CA VAL B 270 14.21 -6.21 -28.01
C VAL B 270 15.18 -6.20 -26.82
N PHE B 271 14.68 -6.51 -25.63
CA PHE B 271 15.54 -6.70 -24.48
C PHE B 271 16.22 -8.06 -24.54
N MET B 272 17.56 -8.04 -24.35
CA MET B 272 18.38 -9.23 -24.46
C MET B 272 19.34 -9.37 -23.28
N HIS B 273 19.66 -10.61 -22.91
CA HIS B 273 20.70 -10.90 -21.91
C HIS B 273 21.52 -12.15 -22.28
N PRO B 274 22.78 -12.21 -21.85
CA PRO B 274 23.63 -13.39 -22.10
C PRO B 274 23.37 -14.55 -21.14
N ASP B 275 24.03 -15.68 -21.38
CA ASP B 275 23.99 -16.84 -20.49
C ASP B 275 22.57 -17.31 -20.26
N GLY B 276 21.78 -17.28 -21.34
CA GLY B 276 20.42 -17.80 -21.33
C GLY B 276 20.36 -19.28 -21.03
N LYS B 277 19.29 -19.68 -20.36
CA LYS B 277 18.99 -21.07 -20.08
C LYS B 277 17.58 -21.13 -19.52
N GLU B 278 17.08 -22.33 -19.25
CA GLU B 278 15.73 -22.50 -18.77
C GLU B 278 15.55 -21.68 -17.50
N GLY B 279 14.54 -20.82 -17.49
CA GLY B 279 14.26 -20.01 -16.31
C GLY B 279 14.70 -18.55 -16.37
N THR B 280 15.30 -18.11 -17.48
CA THR B 280 15.83 -16.72 -17.57
C THR B 280 15.01 -15.78 -18.46
N HIS B 281 13.80 -16.19 -18.83
CA HIS B 281 13.04 -15.45 -19.81
C HIS B 281 12.43 -14.16 -19.28
N LYS B 282 12.49 -13.96 -17.97
CA LYS B 282 12.04 -12.70 -17.40
C LYS B 282 13.17 -11.89 -16.79
N PHE B 283 14.41 -12.24 -17.15
CA PHE B 283 15.58 -11.51 -16.63
C PHE B 283 15.62 -10.11 -17.19
N PRO B 284 16.09 -9.16 -16.40
CA PRO B 284 16.30 -7.81 -16.88
C PRO B 284 17.27 -7.71 -18.10
N ALA B 285 17.14 -6.66 -18.88
CA ALA B 285 17.94 -6.48 -20.09
C ALA B 285 19.37 -6.15 -19.69
N ALA B 286 20.32 -6.97 -20.17
CA ALA B 286 21.72 -6.53 -20.23
C ALA B 286 21.91 -5.53 -21.35
N GLU B 287 21.20 -5.74 -22.48
CA GLU B 287 21.25 -4.84 -23.62
C GLU B 287 19.88 -4.68 -24.28
N ILE B 288 19.72 -3.59 -25.04
CA ILE B 288 18.65 -3.48 -26.04
C ILE B 288 19.25 -3.69 -27.42
N TRP B 289 18.69 -4.64 -28.17
CA TRP B 289 19.10 -4.85 -29.55
C TRP B 289 18.10 -4.19 -30.48
N VAL B 290 18.61 -3.61 -31.56
CA VAL B 290 17.77 -3.00 -32.58
C VAL B 290 17.95 -3.77 -33.89
N MET B 291 16.85 -4.34 -34.38
CA MET B 291 16.88 -5.23 -35.55
C MET B 291 16.18 -4.57 -36.74
N ASP B 292 16.79 -4.69 -37.92
CA ASP B 292 16.10 -4.35 -39.15
C ASP B 292 15.27 -5.56 -39.60
N THR B 293 13.94 -5.43 -39.56
CA THR B 293 13.08 -6.57 -39.83
C THR B 293 13.05 -6.93 -41.32
N LYS B 294 13.43 -5.97 -42.17
CA LYS B 294 13.52 -6.23 -43.61
C LYS B 294 14.78 -7.05 -43.95
N THR B 295 15.93 -6.57 -43.51
CA THR B 295 17.21 -7.28 -43.77
C THR B 295 17.46 -8.43 -42.77
N LYS B 296 16.70 -8.43 -41.67
CA LYS B 296 16.84 -9.45 -40.63
C LYS B 296 18.23 -9.47 -40.00
N GLN B 297 18.84 -8.30 -39.90
CA GLN B 297 20.12 -8.13 -39.24
C GLN B 297 20.00 -7.10 -38.13
N ARG B 298 20.85 -7.23 -37.11
CA ARG B 298 20.97 -6.24 -36.05
C ARG B 298 21.68 -5.00 -36.58
N VAL B 299 21.13 -3.83 -36.27
CA VAL B 299 21.75 -2.57 -36.67
C VAL B 299 22.28 -1.74 -35.50
N ALA B 300 22.00 -2.18 -34.26
CA ALA B 300 22.49 -1.47 -33.06
C ALA B 300 22.33 -2.31 -31.80
N ARG B 301 23.16 -2.02 -30.81
CA ARG B 301 23.05 -2.62 -29.49
C ARG B 301 23.58 -1.64 -28.44
N ILE B 302 22.79 -1.43 -27.38
CA ILE B 302 23.12 -0.47 -26.33
C ILE B 302 22.83 -1.07 -24.95
N PRO B 303 23.42 -0.49 -23.89
CA PRO B 303 23.18 -0.98 -22.52
C PRO B 303 21.69 -0.98 -22.16
N GLY B 304 21.26 -2.02 -21.46
CA GLY B 304 19.83 -2.22 -21.19
C GLY B 304 19.31 -1.53 -19.95
N ARG B 305 20.21 -1.10 -19.05
CA ARG B 305 19.83 -0.44 -17.80
C ARG B 305 18.84 -1.30 -16.97
N ASP B 306 19.02 -2.61 -17.04
CA ASP B 306 18.17 -3.57 -16.32
C ASP B 306 16.68 -3.39 -16.62
N ALA B 307 16.37 -2.93 -17.83
CA ALA B 307 14.97 -2.71 -18.23
C ALA B 307 14.22 -4.03 -18.41
N LEU B 308 12.91 -3.98 -18.13
CA LEU B 308 12.04 -5.16 -18.23
C LEU B 308 10.89 -4.94 -19.23
N SER B 309 10.43 -3.70 -19.36
CA SER B 309 9.33 -3.34 -20.26
C SER B 309 9.62 -2.06 -21.04
N MET B 310 8.97 -1.93 -22.20
CA MET B 310 9.11 -0.75 -23.05
C MET B 310 7.81 -0.34 -23.73
N THR B 311 7.84 0.80 -24.39
CA THR B 311 6.80 1.19 -25.31
C THR B 311 7.40 2.15 -26.33
N ILE B 312 6.82 2.18 -27.51
CA ILE B 312 7.30 3.03 -28.61
C ILE B 312 6.24 4.10 -28.95
N ASP B 313 6.70 5.31 -29.24
CA ASP B 313 5.84 6.33 -29.83
C ASP B 313 6.22 6.56 -31.28
N GLN B 314 5.28 6.29 -32.19
CA GLN B 314 5.54 6.42 -33.62
C GLN B 314 5.56 7.88 -34.02
N GLN B 315 4.79 8.72 -33.31
CA GLN B 315 4.56 10.08 -33.75
C GLN B 315 5.73 11.01 -33.39
N ARG B 316 6.44 10.69 -32.31
CA ARG B 316 7.62 11.48 -31.88
C ARG B 316 8.95 10.70 -31.98
N ASN B 317 8.88 9.45 -32.45
CA ASN B 317 10.08 8.61 -32.62
C ASN B 317 10.85 8.45 -31.30
N LEU B 318 10.13 7.96 -30.29
CA LEU B 318 10.67 7.75 -28.93
C LEU B 318 10.48 6.30 -28.50
N MET B 319 11.32 5.86 -27.57
CA MET B 319 11.13 4.61 -26.85
C MET B 319 11.28 4.91 -25.36
N LEU B 320 10.37 4.37 -24.56
CA LEU B 320 10.54 4.38 -23.10
C LEU B 320 10.91 2.98 -22.66
N THR B 321 11.78 2.88 -21.65
CA THR B 321 11.99 1.61 -20.98
C THR B 321 11.83 1.78 -19.50
N LEU B 322 11.63 0.67 -18.82
CA LEU B 322 11.17 0.65 -17.44
C LEU B 322 11.76 -0.57 -16.72
N ASP B 323 12.42 -0.34 -15.58
CA ASP B 323 13.12 -1.43 -14.86
C ASP B 323 12.37 -1.89 -13.60
N GLY B 324 11.14 -1.43 -13.45
CA GLY B 324 10.31 -1.72 -12.26
C GLY B 324 10.01 -0.45 -11.47
N GLY B 325 10.98 0.46 -11.45
CA GLY B 325 10.88 1.69 -10.64
C GLY B 325 11.22 2.96 -11.39
N ASN B 326 12.12 2.84 -12.38
CA ASN B 326 12.65 4.01 -13.11
C ASN B 326 12.33 3.93 -14.60
N VAL B 327 12.07 5.09 -15.21
CA VAL B 327 11.73 5.16 -16.65
C VAL B 327 12.83 5.89 -17.42
N ASN B 328 13.30 5.26 -18.50
CA ASN B 328 14.30 5.84 -19.37
C ASN B 328 13.67 6.30 -20.68
N VAL B 329 13.98 7.52 -21.10
CA VAL B 329 13.48 8.11 -22.35
C VAL B 329 14.57 8.10 -23.42
N TYR B 330 14.26 7.50 -24.58
CA TYR B 330 15.22 7.38 -25.72
C TYR B 330 14.67 8.03 -26.96
N ASP B 331 15.56 8.65 -27.72
CA ASP B 331 15.27 9.11 -29.08
C ASP B 331 15.65 7.99 -30.03
N ILE B 332 14.68 7.52 -30.85
CA ILE B 332 14.96 6.42 -31.80
C ILE B 332 14.71 6.83 -33.25
N SER B 333 14.94 8.09 -33.55
CA SER B 333 14.82 8.61 -34.91
C SER B 333 15.96 8.11 -35.80
N GLN B 334 17.06 7.66 -35.18
CA GLN B 334 18.16 6.99 -35.92
C GLN B 334 18.31 5.54 -35.44
N PRO B 335 18.98 4.70 -36.22
CA PRO B 335 19.22 3.31 -35.85
C PRO B 335 19.74 3.08 -34.42
N GLU B 336 20.72 3.85 -33.97
CA GLU B 336 21.18 3.77 -32.59
C GLU B 336 20.34 4.70 -31.70
N PRO B 337 19.69 4.13 -30.68
CA PRO B 337 18.94 4.94 -29.73
C PRO B 337 19.85 5.85 -28.94
N LYS B 338 19.33 7.01 -28.56
CA LYS B 338 20.07 7.98 -27.74
C LYS B 338 19.29 8.23 -26.45
N LEU B 339 19.95 8.05 -25.32
CA LEU B 339 19.31 8.27 -24.02
C LEU B 339 19.16 9.75 -23.72
N LEU B 340 17.92 10.17 -23.46
CA LEU B 340 17.59 11.57 -23.22
C LEU B 340 17.54 11.89 -21.72
N ARG B 341 16.92 11.01 -20.94
CA ARG B 341 16.87 11.17 -19.48
C ARG B 341 16.28 9.95 -18.80
N THR B 342 16.42 9.91 -17.49
CA THR B 342 15.82 8.88 -16.63
C THR B 342 14.94 9.55 -15.58
N ILE B 343 13.73 9.01 -15.37
CA ILE B 343 12.86 9.44 -14.32
C ILE B 343 12.96 8.44 -13.20
N GLU B 344 13.57 8.87 -12.09
CA GLU B 344 13.83 8.00 -10.97
C GLU B 344 12.63 7.93 -10.04
N GLY B 345 12.29 6.73 -9.60
CA GLY B 345 11.24 6.56 -8.59
C GLY B 345 9.86 6.85 -9.14
N ALA B 346 9.64 6.53 -10.41
CA ALA B 346 8.33 6.71 -11.06
C ALA B 346 7.28 5.73 -10.52
N ALA B 347 7.75 4.61 -9.99
CA ALA B 347 6.87 3.57 -9.44
C ALA B 347 7.64 2.72 -8.44
N GLU B 348 6.89 1.99 -7.62
CA GLU B 348 7.45 0.98 -6.75
C GLU B 348 7.53 -0.38 -7.40
N ALA B 349 6.54 -0.74 -8.22
CA ALA B 349 6.51 -2.03 -8.90
C ALA B 349 5.70 -1.93 -10.19
N SER B 350 6.29 -1.35 -11.23
CA SER B 350 5.60 -1.18 -12.48
C SER B 350 6.28 -1.98 -13.56
N LEU B 351 5.47 -2.66 -14.38
CA LEU B 351 5.99 -3.37 -15.56
C LEU B 351 5.31 -2.87 -16.82
N GLN B 352 4.68 -1.70 -16.77
CA GLN B 352 4.06 -1.14 -17.94
C GLN B 352 4.09 0.35 -17.95
N VAL B 353 4.60 0.94 -19.03
CA VAL B 353 4.50 2.37 -19.27
C VAL B 353 3.90 2.64 -20.68
N GLN B 354 3.12 3.70 -20.79
CA GLN B 354 2.46 4.07 -22.07
C GLN B 354 2.46 5.59 -22.27
N PHE B 355 2.60 6.03 -23.53
CA PHE B 355 2.43 7.44 -23.87
C PHE B 355 0.95 7.82 -23.94
N HIS B 356 0.65 9.10 -23.68
CA HIS B 356 -0.61 9.65 -24.08
C HIS B 356 -0.62 9.73 -25.60
N PRO B 357 -1.69 9.25 -26.25
CA PRO B 357 -1.74 9.22 -27.69
C PRO B 357 -1.69 10.61 -28.31
N VAL B 358 -0.91 10.73 -29.37
CA VAL B 358 -0.95 11.87 -30.27
C VAL B 358 -1.25 11.33 -31.67
N GLY B 359 -2.25 11.92 -32.30
CA GLY B 359 -2.58 11.55 -33.67
C GLY B 359 -2.96 10.09 -33.75
N GLY B 360 -2.47 9.39 -34.76
CA GLY B 360 -2.68 7.95 -34.85
C GLY B 360 -3.83 7.51 -35.74
N THR B 361 -4.57 8.46 -36.32
CA THR B 361 -5.58 8.12 -37.33
C THR B 361 -4.93 7.36 -38.49
N GLU C 24 16.30 -23.18 5.44
CA GLU C 24 16.48 -23.36 3.97
C GLU C 24 15.18 -23.23 3.18
N VAL C 25 14.05 -23.65 3.77
CA VAL C 25 12.75 -23.59 3.09
C VAL C 25 12.25 -22.14 2.92
N ASN C 26 12.81 -21.21 3.70
CA ASN C 26 12.48 -19.79 3.57
C ASN C 26 13.34 -19.04 2.52
N SER C 27 14.22 -19.77 1.82
CA SER C 27 15.02 -19.22 0.74
C SER C 27 14.38 -19.44 -0.62
N CYS C 28 14.49 -18.43 -1.48
CA CYS C 28 13.98 -18.53 -2.85
C CYS C 28 14.66 -19.65 -3.63
N ASP C 29 15.89 -20.00 -3.25
CA ASP C 29 16.64 -21.04 -3.97
C ASP C 29 16.36 -22.47 -3.52
N TYR C 30 15.48 -22.66 -2.55
CA TYR C 30 15.07 -23.99 -2.15
C TYR C 30 14.43 -24.67 -3.36
N TRP C 31 14.80 -25.92 -3.61
CA TRP C 31 14.49 -26.55 -4.87
C TRP C 31 13.00 -26.60 -5.21
N ARG C 32 12.15 -26.70 -4.19
CA ARG C 32 10.70 -26.86 -4.44
C ARG C 32 10.06 -25.54 -4.88
N HIS C 33 10.79 -24.44 -4.73
CA HIS C 33 10.24 -23.10 -5.07
C HIS C 33 10.59 -22.63 -6.50
N CYS C 34 10.87 -23.57 -7.40
CA CYS C 34 11.49 -23.22 -8.70
C CYS C 34 10.57 -22.44 -9.67
N ALA C 35 9.26 -22.39 -9.41
CA ALA C 35 8.37 -21.56 -10.20
C ALA C 35 7.45 -20.72 -9.31
N VAL C 36 7.93 -20.35 -8.12
CA VAL C 36 7.20 -19.38 -7.26
C VAL C 36 7.37 -17.96 -7.77
N ASP C 37 6.24 -17.31 -8.02
CA ASP C 37 6.21 -15.87 -8.20
C ASP C 37 5.23 -15.35 -7.14
N GLY C 38 5.77 -14.89 -6.02
CA GLY C 38 4.95 -14.52 -4.86
C GLY C 38 5.73 -14.60 -3.57
N PHE C 39 5.04 -14.50 -2.43
CA PHE C 39 5.65 -14.53 -1.11
C PHE C 39 5.58 -15.94 -0.56
N LEU C 40 6.69 -16.43 0.00
CA LEU C 40 6.70 -17.81 0.57
C LEU C 40 5.84 -17.91 1.84
N CYS C 41 4.83 -18.78 1.84
CA CYS C 41 3.94 -18.88 3.02
C CYS C 41 4.69 -19.29 4.32
N SER C 42 5.81 -19.98 4.17
CA SER C 42 6.60 -20.39 5.33
C SER C 42 7.21 -19.20 6.10
N CYS C 43 7.29 -18.06 5.43
CA CYS C 43 7.75 -16.82 6.05
C CYS C 43 6.59 -15.97 6.60
N CYS C 44 5.37 -16.46 6.45
CA CYS C 44 4.15 -15.66 6.63
C CYS C 44 3.25 -16.25 7.71
N GLY C 45 3.80 -17.13 8.54
CA GLY C 45 3.03 -17.76 9.61
C GLY C 45 2.41 -19.08 9.20
N GLY C 46 2.69 -19.52 7.97
CA GLY C 46 2.26 -20.85 7.51
C GLY C 46 3.45 -21.74 7.34
N THR C 47 3.30 -22.75 6.50
CA THR C 47 4.43 -23.61 6.13
C THR C 47 4.46 -23.80 4.63
N THR C 48 5.41 -24.59 4.16
CA THR C 48 5.55 -24.88 2.73
CA THR C 48 5.54 -24.83 2.74
C THR C 48 4.26 -25.39 2.14
N THR C 49 3.46 -26.07 2.94
CA THR C 49 2.23 -26.75 2.47
C THR C 49 0.95 -26.37 3.23
N THR C 50 0.99 -25.32 4.04
CA THR C 50 -0.22 -24.88 4.74
C THR C 50 -0.32 -23.37 4.75
N CYS C 51 -1.56 -22.88 4.67
CA CYS C 51 -1.81 -21.44 4.61
C CYS C 51 -1.69 -20.86 6.01
N PRO C 52 -1.18 -19.63 6.10
CA PRO C 52 -1.20 -18.94 7.39
C PRO C 52 -2.62 -18.81 7.91
N PRO C 53 -2.78 -18.70 9.24
CA PRO C 53 -4.11 -18.60 9.82
C PRO C 53 -4.99 -17.51 9.16
N GLY C 54 -6.21 -17.89 8.80
CA GLY C 54 -7.18 -16.95 8.24
C GLY C 54 -7.03 -16.65 6.77
N SER C 55 -6.16 -17.39 6.08
CA SER C 55 -6.08 -17.37 4.62
C SER C 55 -6.46 -18.73 4.07
N THR C 56 -7.08 -18.71 2.88
CA THR C 56 -7.77 -19.88 2.32
C THR C 56 -6.98 -20.37 1.12
N PRO C 57 -6.72 -21.67 1.02
CA PRO C 57 -6.04 -22.20 -0.17
C PRO C 57 -6.83 -22.00 -1.47
N SER C 58 -6.14 -21.73 -2.56
CA SER C 58 -6.80 -21.74 -3.86
C SER C 58 -6.97 -23.20 -4.31
N PRO C 59 -8.14 -23.53 -4.87
CA PRO C 59 -8.36 -24.91 -5.35
C PRO C 59 -7.54 -25.20 -6.62
N ILE C 60 -7.23 -24.13 -7.34
CA ILE C 60 -6.53 -24.21 -8.59
C ILE C 60 -5.14 -23.65 -8.37
N SER C 61 -4.25 -23.88 -9.33
CA SER C 61 -2.83 -23.54 -9.15
C SER C 61 -2.10 -23.60 -10.46
N ILE C 63 1.58 -25.06 -11.98
CA ILE C 63 2.39 -26.23 -11.70
C ILE C 63 3.82 -25.96 -12.18
N GLY C 64 4.79 -26.29 -11.35
CA GLY C 64 6.20 -26.30 -11.78
C GLY C 64 6.77 -27.72 -11.79
N THR C 65 7.77 -27.90 -12.65
CA THR C 65 8.57 -29.11 -12.65
C THR C 65 9.97 -28.75 -12.15
N CYS C 66 10.30 -29.22 -10.95
CA CYS C 66 11.50 -28.81 -10.22
C CYS C 66 12.47 -29.96 -10.04
N HIS C 67 13.75 -29.65 -10.13
CA HIS C 67 14.81 -30.66 -10.00
C HIS C 67 15.19 -30.86 -8.53
N ASN C 68 15.03 -32.10 -8.04
CA ASN C 68 15.45 -32.45 -6.70
C ASN C 68 16.96 -32.71 -6.67
N PRO C 69 17.71 -31.91 -5.91
CA PRO C 69 19.19 -31.96 -5.94
C PRO C 69 19.76 -33.14 -5.15
N HIS C 70 18.88 -33.87 -4.48
CA HIS C 70 19.31 -35.02 -3.68
C HIS C 70 19.27 -36.31 -4.48
N ASP C 71 18.13 -36.57 -5.13
CA ASP C 71 17.96 -37.82 -5.90
C ASP C 71 18.06 -37.63 -7.43
N GLY C 72 18.22 -36.38 -7.86
CA GLY C 72 18.47 -36.05 -9.27
C GLY C 72 17.25 -36.18 -10.16
N LYS C 73 16.08 -36.38 -9.54
CA LYS C 73 14.82 -36.54 -10.28
C LYS C 73 14.01 -35.23 -10.28
N ASP C 74 13.13 -35.08 -11.28
CA ASP C 74 12.24 -33.91 -11.39
C ASP C 74 10.90 -34.23 -10.78
N TYR C 75 10.33 -33.26 -10.07
CA TYR C 75 9.06 -33.44 -9.38
C TYR C 75 8.06 -32.35 -9.77
N LEU C 76 6.80 -32.72 -9.85
CA LEU C 76 5.73 -31.76 -10.02
C LEU C 76 5.40 -31.09 -8.70
N ILE C 77 5.48 -29.76 -8.70
CA ILE C 77 5.10 -28.96 -7.55
C ILE C 77 3.86 -28.12 -7.92
N SER C 78 2.85 -28.15 -7.08
CA SER C 78 1.65 -27.36 -7.28
C SER C 78 1.70 -26.10 -6.42
N TYR C 79 1.62 -24.93 -7.07
CA TYR C 79 1.70 -23.65 -6.36
C TYR C 79 0.32 -23.06 -6.13
N HIS C 80 -0.23 -23.39 -4.98
CA HIS C 80 -1.50 -22.87 -4.55
C HIS C 80 -1.29 -21.57 -3.79
N ASP C 81 -2.06 -20.56 -4.14
CA ASP C 81 -2.02 -19.30 -3.42
C ASP C 81 -2.89 -19.43 -2.15
N CYS C 82 -2.59 -18.59 -1.17
CA CYS C 82 -3.43 -18.46 0.00
C CYS C 82 -4.11 -17.11 -0.09
N CYS C 83 -5.41 -17.12 0.10
CA CYS C 83 -6.29 -16.07 -0.36
C CYS C 83 -7.09 -15.41 0.77
N GLY C 84 -7.57 -14.20 0.52
CA GLY C 84 -8.48 -13.55 1.45
C GLY C 84 -7.78 -12.74 2.53
N LYS C 85 -6.50 -12.47 2.34
CA LYS C 85 -5.76 -11.53 3.17
C LYS C 85 -4.81 -10.80 2.28
N THR C 86 -4.45 -9.58 2.69
CA THR C 86 -3.57 -8.72 1.89
C THR C 86 -2.13 -9.22 1.92
N ALA C 87 -1.31 -8.66 1.03
CA ALA C 87 0.00 -9.19 0.70
C ALA C 87 0.85 -9.42 1.96
N CYS C 88 1.44 -10.61 2.08
CA CYS C 88 2.27 -10.90 3.25
C CYS C 88 3.52 -9.99 3.28
N GLY C 89 4.15 -9.82 2.14
CA GLY C 89 5.28 -8.89 2.01
C GLY C 89 6.64 -9.46 2.39
N ARG C 90 6.69 -10.74 2.78
CA ARG C 90 7.94 -11.36 3.24
C ARG C 90 8.34 -12.45 2.29
N CYS C 91 9.65 -12.60 2.06
CA CYS C 91 10.22 -13.67 1.22
C CYS C 91 9.59 -13.66 -0.17
N GLN C 92 9.65 -12.52 -0.82
CA GLN C 92 9.19 -12.45 -2.20
C GLN C 92 10.17 -13.19 -3.09
N CYS C 93 9.63 -14.08 -3.92
CA CYS C 93 10.43 -14.82 -4.89
C CYS C 93 9.87 -14.66 -6.30
N ASN C 94 10.74 -14.79 -7.30
CA ASN C 94 10.34 -14.71 -8.69
C ASN C 94 11.21 -15.65 -9.51
N THR C 95 10.90 -16.94 -9.41
CA THR C 95 11.68 -17.96 -10.10
C THR C 95 10.82 -18.59 -11.18
N GLN C 96 11.45 -18.98 -12.28
CA GLN C 96 10.72 -19.20 -13.54
C GLN C 96 11.11 -20.48 -14.25
N THR C 97 11.60 -21.46 -13.51
CA THR C 97 12.02 -22.71 -14.12
C THR C 97 10.83 -23.38 -14.77
N ARG C 98 10.91 -23.51 -16.10
CA ARG C 98 9.89 -24.24 -16.93
C ARG C 98 8.53 -23.54 -16.96
N GLU C 99 8.53 -22.27 -16.55
CA GLU C 99 7.32 -21.46 -16.61
C GLU C 99 7.06 -21.00 -18.03
N ARG C 100 5.79 -20.99 -18.43
CA ARG C 100 5.41 -20.62 -19.78
C ARG C 100 4.27 -19.60 -19.79
N PRO C 101 4.05 -18.91 -20.91
CA PRO C 101 3.05 -17.83 -20.99
C PRO C 101 1.61 -18.33 -20.89
N GLY C 102 0.65 -17.40 -20.93
CA GLY C 102 -0.74 -17.72 -20.59
C GLY C 102 -1.48 -18.59 -21.58
N TYR C 103 -0.91 -18.78 -22.78
CA TYR C 103 -1.44 -19.77 -23.71
C TYR C 103 -1.09 -21.23 -23.31
N GLU C 104 -0.24 -21.40 -22.27
CA GLU C 104 -0.11 -22.67 -21.54
C GLU C 104 -0.49 -22.39 -20.08
N PHE C 105 -1.78 -22.21 -19.83
CA PHE C 105 -2.22 -21.39 -18.68
C PHE C 105 -1.79 -21.95 -17.34
N PHE C 106 -1.84 -23.26 -17.17
CA PHE C 106 -1.53 -23.85 -15.88
C PHE C 106 -0.03 -24.07 -15.65
N LEU C 107 0.79 -23.58 -16.58
CA LEU C 107 2.23 -23.48 -16.35
C LEU C 107 2.67 -22.05 -16.14
N HIS C 108 1.71 -21.15 -15.99
CA HIS C 108 1.96 -19.72 -16.06
C HIS C 108 1.83 -19.08 -14.66
N ASN C 109 2.83 -18.30 -14.25
CA ASN C 109 2.82 -17.74 -12.89
C ASN C 109 2.72 -16.21 -12.78
N ASP C 110 2.42 -15.52 -13.89
CA ASP C 110 2.22 -14.05 -13.87
C ASP C 110 0.73 -13.68 -13.62
N VAL C 111 -0.06 -14.66 -13.22
CA VAL C 111 -1.46 -14.42 -12.85
C VAL C 111 -1.70 -14.81 -11.40
N ASN C 112 -2.83 -14.35 -10.88
CA ASN C 112 -3.24 -14.58 -9.50
C ASN C 112 -3.98 -15.89 -9.41
N TRP C 113 -3.37 -16.92 -8.81
CA TRP C 113 -4.06 -18.22 -8.72
C TRP C 113 -5.19 -18.24 -7.66
N CYS C 114 -5.39 -17.10 -6.97
CA CYS C 114 -6.58 -16.84 -6.14
C CYS C 114 -7.77 -16.31 -6.95
N MET C 115 -7.62 -16.20 -8.29
CA MET C 115 -8.63 -15.53 -9.16
C MET C 115 -10.05 -16.06 -9.05
N ALA C 116 -10.20 -17.31 -8.61
CA ALA C 116 -11.52 -17.93 -8.53
C ALA C 116 -11.99 -18.16 -7.09
N ASN C 117 -11.23 -17.66 -6.11
CA ASN C 117 -11.63 -17.78 -4.72
C ASN C 117 -12.74 -16.82 -4.37
N GLU C 118 -13.45 -17.12 -3.29
CA GLU C 118 -14.48 -16.25 -2.75
C GLU C 118 -13.94 -14.84 -2.55
N ASN C 119 -12.71 -14.74 -2.06
CA ASN C 119 -11.98 -13.46 -2.12
C ASN C 119 -10.68 -13.65 -2.82
N SER C 120 -10.44 -12.81 -3.84
CA SER C 120 -9.30 -13.00 -4.74
C SER C 120 -8.01 -12.31 -4.26
N THR C 121 -8.03 -11.63 -3.12
CA THR C 121 -6.82 -10.97 -2.61
C THR C 121 -5.80 -12.02 -2.30
N PHE C 122 -4.57 -11.76 -2.73
N PHE C 122 -4.61 -11.94 -2.86
CA PHE C 122 -3.49 -12.72 -2.67
CA PHE C 122 -3.65 -12.98 -2.49
C PHE C 122 -2.60 -12.45 -1.43
C PHE C 122 -2.64 -12.54 -1.47
N HIS C 123 -2.35 -13.47 -0.61
CA HIS C 123 -1.57 -13.31 0.59
C HIS C 123 -0.16 -13.89 0.46
N CYS C 124 -0.08 -15.15 0.05
CA CYS C 124 1.21 -15.83 -0.12
C CYS C 124 1.03 -17.10 -0.95
N THR C 125 2.13 -17.74 -1.29
CA THR C 125 2.13 -18.93 -2.15
C THR C 125 2.74 -20.13 -1.42
N THR C 126 2.08 -21.28 -1.55
CA THR C 126 2.61 -22.55 -1.04
C THR C 126 3.24 -23.35 -2.17
N SER C 127 4.09 -24.31 -1.79
CA SER C 127 4.81 -25.16 -2.74
C SER C 127 4.53 -26.61 -2.40
N VAL C 128 3.48 -27.16 -2.99
CA VAL C 128 2.96 -28.48 -2.60
C VAL C 128 3.49 -29.56 -3.53
N LEU C 129 4.31 -30.45 -2.97
CA LEU C 129 4.85 -31.59 -3.74
C LEU C 129 3.72 -32.53 -4.13
N VAL C 130 3.55 -32.75 -5.44
CA VAL C 130 2.55 -33.71 -5.96
C VAL C 130 3.19 -35.11 -6.14
N GLY C 131 4.31 -35.17 -6.84
CA GLY C 131 4.97 -36.45 -7.15
C GLY C 131 5.95 -36.31 -8.29
N LEU C 132 6.44 -37.46 -8.78
CA LEU C 132 7.45 -37.45 -9.83
C LEU C 132 6.91 -36.87 -11.14
N SER D 14 9.08 35.79 -0.99
CA SER D 14 8.98 34.87 0.20
C SER D 14 7.52 34.50 0.52
N LEU D 15 6.58 35.35 0.13
CA LEU D 15 5.15 35.13 0.39
C LEU D 15 4.41 34.48 -0.79
N ASN D 16 5.15 34.24 -1.88
CA ASN D 16 4.54 33.82 -3.13
C ASN D 16 5.27 32.63 -3.76
N PRO D 17 4.97 31.41 -3.27
CA PRO D 17 5.72 30.22 -3.63
C PRO D 17 5.71 29.91 -5.14
N ASP D 18 4.67 30.37 -5.84
CA ASP D 18 4.59 30.19 -7.30
C ASP D 18 5.68 30.98 -8.05
N LEU D 19 6.24 32.01 -7.40
CA LEU D 19 7.35 32.79 -7.97
C LEU D 19 8.70 32.26 -7.50
N ALA D 20 8.68 31.44 -6.44
CA ALA D 20 9.92 30.95 -5.82
C ALA D 20 10.51 29.79 -6.62
N ASN D 21 11.66 29.30 -6.16
CA ASN D 21 12.27 28.10 -6.73
C ASN D 21 11.44 26.86 -6.38
N GLU D 22 11.20 26.01 -7.38
CA GLU D 22 10.38 24.80 -7.18
C GLU D 22 10.98 23.92 -6.11
N ASP D 23 12.30 23.74 -6.16
CA ASP D 23 13.00 22.89 -5.21
C ASP D 23 12.91 23.46 -3.80
N GLU D 24 12.74 24.78 -3.70
CA GLU D 24 12.64 25.44 -2.40
C GLU D 24 11.29 25.15 -1.72
N VAL D 25 10.19 25.30 -2.47
CA VAL D 25 8.86 25.08 -1.89
C VAL D 25 8.59 23.59 -1.68
N ASN D 26 9.34 22.75 -2.39
CA ASN D 26 9.16 21.30 -2.30
C ASN D 26 9.98 20.71 -1.16
N SER D 27 10.61 21.56 -0.36
CA SER D 27 11.43 21.11 0.76
C SER D 27 10.65 21.18 2.05
N CYS D 28 10.85 20.18 2.92
CA CYS D 28 10.21 20.18 4.23
C CYS D 28 10.64 21.38 5.08
N ASP D 29 11.78 21.96 4.72
CA ASP D 29 12.36 23.08 5.46
C ASP D 29 11.80 24.44 5.02
N TYR D 30 11.03 24.47 3.96
CA TYR D 30 10.39 25.74 3.52
C TYR D 30 9.58 26.31 4.66
N TRP D 31 9.69 27.62 4.90
CA TRP D 31 9.23 28.20 6.16
C TRP D 31 7.74 27.95 6.45
N ARG D 32 6.89 27.94 5.42
CA ARG D 32 5.46 27.86 5.68
C ARG D 32 4.99 26.41 5.90
N HIS D 33 5.91 25.46 5.80
CA HIS D 33 5.56 24.03 6.03
C HIS D 33 5.87 23.60 7.48
N CYS D 34 5.85 24.54 8.42
CA CYS D 34 6.42 24.27 9.76
C CYS D 34 5.57 23.32 10.64
N ALA D 35 4.33 23.06 10.23
CA ALA D 35 3.49 22.05 10.93
C ALA D 35 2.84 21.06 9.96
N VAL D 36 3.51 20.78 8.85
CA VAL D 36 3.05 19.75 7.90
C VAL D 36 3.40 18.35 8.40
N ASP D 37 2.38 17.51 8.49
CA ASP D 37 2.53 16.05 8.68
C ASP D 37 1.77 15.43 7.50
N GLY D 38 2.52 15.09 6.46
CA GLY D 38 1.94 14.57 5.24
C GLY D 38 2.81 14.78 4.02
N PHE D 39 2.24 14.58 2.84
CA PHE D 39 2.94 14.73 1.58
C PHE D 39 2.66 16.12 1.00
N LEU D 40 3.69 16.85 0.59
CA LEU D 40 3.47 18.20 0.03
C LEU D 40 2.77 18.10 -1.33
N CYS D 41 1.63 18.79 -1.46
CA CYS D 41 0.86 18.76 -2.71
C CYS D 41 1.66 19.34 -3.89
N SER D 42 2.62 20.21 -3.61
CA SER D 42 3.45 20.79 -4.68
C SER D 42 4.34 19.77 -5.34
N CYS D 43 4.51 18.60 -4.71
CA CYS D 43 5.28 17.48 -5.28
C CYS D 43 4.40 16.41 -5.94
N CYS D 44 3.10 16.65 -5.93
CA CYS D 44 2.11 15.64 -6.23
C CYS D 44 1.24 16.07 -7.41
N GLY D 45 1.75 17.03 -8.20
CA GLY D 45 1.00 17.54 -9.37
C GLY D 45 0.08 18.71 -9.05
N GLY D 46 0.13 19.20 -7.83
CA GLY D 46 -0.55 20.41 -7.46
C GLY D 46 0.46 21.54 -7.20
N THR D 47 0.03 22.52 -6.43
CA THR D 47 0.92 23.56 -5.93
C THR D 47 0.66 23.75 -4.46
N THR D 48 1.38 24.69 -3.87
CA THR D 48 1.25 24.98 -2.47
C THR D 48 -0.20 25.28 -2.06
N THR D 49 -0.98 25.82 -2.99
CA THR D 49 -2.34 26.28 -2.69
C THR D 49 -3.39 25.68 -3.64
N THR D 50 -3.01 24.63 -4.37
CA THR D 50 -3.98 23.95 -5.22
C THR D 50 -3.83 22.45 -5.11
N CYS D 51 -4.96 21.77 -5.00
CA CYS D 51 -4.95 20.30 -4.98
C CYS D 51 -4.59 19.77 -6.35
N PRO D 52 -3.86 18.66 -6.40
CA PRO D 52 -3.63 17.96 -7.65
C PRO D 52 -4.94 17.58 -8.31
N PRO D 53 -4.95 17.41 -9.63
CA PRO D 53 -6.18 17.13 -10.35
C PRO D 53 -6.92 15.94 -9.74
N GLY D 54 -8.23 16.08 -9.53
CA GLY D 54 -9.08 14.98 -9.07
C GLY D 54 -9.04 14.72 -7.58
N SER D 55 -8.42 15.62 -6.83
CA SER D 55 -8.46 15.58 -5.36
C SER D 55 -9.11 16.88 -4.85
N THR D 56 -9.77 16.77 -3.71
CA THR D 56 -10.74 17.77 -3.23
C THR D 56 -10.20 18.39 -1.95
N PRO D 57 -10.16 19.71 -1.83
CA PRO D 57 -9.73 20.37 -0.60
C PRO D 57 -10.59 19.99 0.60
N SER D 58 -9.95 19.80 1.77
CA SER D 58 -10.70 19.70 3.03
C SER D 58 -11.18 21.09 3.45
N PRO D 59 -12.42 21.20 3.90
CA PRO D 59 -12.96 22.48 4.36
C PRO D 59 -12.46 22.85 5.75
N ILE D 60 -11.91 21.85 6.46
CA ILE D 60 -11.35 22.02 7.80
C ILE D 60 -9.85 21.72 7.74
N SER D 61 -9.11 22.15 8.77
CA SER D 61 -7.67 22.01 8.76
C SER D 61 -7.12 22.17 10.15
N ILE D 63 -4.02 24.28 12.01
CA ILE D 63 -3.39 25.57 11.75
C ILE D 63 -2.04 25.61 12.44
N GLY D 64 -1.04 26.15 11.74
CA GLY D 64 0.28 26.40 12.33
C GLY D 64 0.58 27.89 12.33
N THR D 65 1.47 28.28 13.23
CA THR D 65 2.07 29.60 13.20
C THR D 65 3.52 29.43 12.78
N CYS D 66 3.91 30.06 11.66
CA CYS D 66 5.24 29.88 11.10
C CYS D 66 5.96 31.21 10.94
N HIS D 67 7.27 31.21 11.21
CA HIS D 67 8.10 32.40 11.08
C HIS D 67 8.66 32.47 9.69
N ASN D 68 8.51 33.62 9.03
CA ASN D 68 9.11 33.88 7.72
C ASN D 68 10.44 34.61 7.90
N PRO D 69 11.55 33.94 7.62
CA PRO D 69 12.87 34.49 7.89
C PRO D 69 13.26 35.56 6.90
N HIS D 70 12.59 35.59 5.75
CA HIS D 70 12.91 36.54 4.70
C HIS D 70 12.41 37.94 5.04
N ASP D 71 11.25 38.03 5.68
CA ASP D 71 10.69 39.32 6.08
C ASP D 71 10.53 39.48 7.61
N GLY D 72 10.83 38.43 8.36
CA GLY D 72 10.91 38.52 9.82
C GLY D 72 9.56 38.54 10.55
N LYS D 73 8.48 38.27 9.82
CA LYS D 73 7.15 38.27 10.41
C LYS D 73 6.62 36.85 10.61
N ASP D 74 5.61 36.71 11.48
CA ASP D 74 4.96 35.44 11.72
C ASP D 74 3.59 35.40 11.05
N TYR D 75 3.29 34.25 10.45
CA TYR D 75 2.06 34.10 9.70
C TYR D 75 1.29 32.88 10.17
N LEU D 76 -0.03 32.98 10.12
CA LEU D 76 -0.91 31.84 10.33
C LEU D 76 -1.01 31.06 9.04
N ILE D 77 -0.74 29.75 9.11
CA ILE D 77 -0.81 28.87 7.97
C ILE D 77 -1.88 27.82 8.23
N SER D 78 -2.78 27.67 7.27
CA SER D 78 -3.84 26.65 7.36
C SER D 78 -3.43 25.44 6.54
N TYR D 79 -3.39 24.26 7.18
CA TYR D 79 -2.96 23.02 6.51
C TYR D 79 -4.15 22.16 6.09
N HIS D 80 -4.65 22.41 4.89
CA HIS D 80 -5.75 21.64 4.33
C HIS D 80 -5.22 20.44 3.62
N ASP D 81 -5.89 19.32 3.79
CA ASP D 81 -5.56 18.15 3.05
C ASP D 81 -6.31 18.17 1.72
N CYS D 82 -5.77 17.46 0.75
CA CYS D 82 -6.49 17.17 -0.47
C CYS D 82 -6.91 15.72 -0.41
N CYS D 83 -8.17 15.46 -0.74
CA CYS D 83 -8.87 14.24 -0.37
C CYS D 83 -9.44 13.49 -1.57
N GLY D 84 -9.69 12.20 -1.38
CA GLY D 84 -10.39 11.41 -2.37
C GLY D 84 -9.52 10.72 -3.40
N LYS D 85 -8.22 10.73 -3.14
CA LYS D 85 -7.27 9.92 -3.87
C LYS D 85 -6.30 9.32 -2.85
N THR D 86 -5.71 8.19 -3.20
CA THR D 86 -4.78 7.51 -2.31
C THR D 86 -3.46 8.24 -2.17
N ALA D 87 -2.66 7.82 -1.21
CA ALA D 87 -1.48 8.56 -0.78
C ALA D 87 -0.56 8.94 -1.93
N CYS D 88 -0.20 10.21 -2.02
CA CYS D 88 0.73 10.63 -3.06
C CYS D 88 2.11 9.96 -2.96
N GLY D 89 2.64 9.89 -1.75
CA GLY D 89 3.90 9.17 -1.51
C GLY D 89 5.18 9.97 -1.74
N ARG D 90 5.02 11.24 -2.12
CA ARG D 90 6.15 12.08 -2.48
C ARG D 90 6.26 13.23 -1.49
N CYS D 91 7.50 13.59 -1.15
CA CYS D 91 7.79 14.76 -0.26
C CYS D 91 7.06 14.66 1.06
N GLN D 92 7.24 13.54 1.74
CA GLN D 92 6.70 13.36 3.08
C GLN D 92 7.42 14.22 4.08
N CYS D 93 6.66 14.96 4.86
CA CYS D 93 7.19 15.85 5.88
C CYS D 93 6.52 15.56 7.21
N ASN D 94 7.23 15.83 8.30
CA ASN D 94 6.67 15.62 9.66
C ASN D 94 7.16 16.68 10.63
N THR D 95 6.88 17.94 10.32
CA THR D 95 7.36 19.06 11.11
C THR D 95 6.30 19.48 12.11
N GLN D 96 6.75 19.96 13.28
CA GLN D 96 5.90 19.99 14.46
C GLN D 96 5.95 21.32 15.24
N THR D 97 6.35 22.41 14.57
CA THR D 97 6.46 23.69 15.25
C THR D 97 5.11 24.16 15.77
N ARG D 98 5.02 24.35 17.08
CA ARG D 98 3.82 24.82 17.76
C ARG D 98 2.61 23.86 17.68
N GLU D 99 2.89 22.62 17.26
CA GLU D 99 1.87 21.60 17.19
C GLU D 99 1.54 21.08 18.59
N ARG D 100 0.26 20.82 18.83
CA ARG D 100 -0.19 20.39 20.15
C ARG D 100 -1.12 19.18 20.04
N PRO D 101 -1.32 18.46 21.14
CA PRO D 101 -2.14 17.24 21.10
C PRO D 101 -3.62 17.49 20.88
N GLY D 102 -4.40 16.42 20.80
CA GLY D 102 -5.76 16.51 20.36
C GLY D 102 -6.73 17.24 21.29
N TYR D 103 -6.30 17.52 22.51
CA TYR D 103 -7.12 18.37 23.40
C TYR D 103 -6.97 19.85 23.05
N GLU D 104 -6.09 20.15 22.08
CA GLU D 104 -6.10 21.44 21.34
C GLU D 104 -6.28 21.13 19.84
N PHE D 105 -7.49 20.70 19.49
CA PHE D 105 -7.67 19.86 18.28
C PHE D 105 -7.23 20.54 16.98
N PHE D 106 -7.49 21.83 16.85
CA PHE D 106 -7.17 22.46 15.57
C PHE D 106 -5.72 22.91 15.49
N LEU D 107 -4.91 22.58 16.50
CA LEU D 107 -3.46 22.74 16.45
C LEU D 107 -2.73 21.40 16.25
N HIS D 108 -3.51 20.35 16.03
CA HIS D 108 -3.01 18.96 16.11
C HIS D 108 -2.87 18.37 14.71
N ASN D 109 -1.71 17.77 14.37
CA ASN D 109 -1.50 17.25 13.02
C ASN D 109 -1.34 15.72 12.91
N ASP D 110 -1.67 14.99 13.98
CA ASP D 110 -1.61 13.50 13.96
C ASP D 110 -2.96 12.89 13.60
N VAL D 111 -3.90 13.73 13.15
CA VAL D 111 -5.16 13.26 12.63
C VAL D 111 -5.31 13.61 11.15
N ASN D 112 -6.28 12.97 10.52
CA ASN D 112 -6.58 13.15 9.11
C ASN D 112 -7.55 14.32 8.92
N TRP D 113 -7.06 15.43 8.38
CA TRP D 113 -7.94 16.59 8.21
C TRP D 113 -8.92 16.46 7.00
N CYS D 114 -8.82 15.34 6.27
CA CYS D 114 -9.88 14.88 5.35
C CYS D 114 -11.05 14.18 6.06
N MET D 115 -11.04 14.12 7.40
CA MET D 115 -11.97 13.24 8.16
C MET D 115 -13.46 13.54 7.90
N ALA D 116 -13.79 14.74 7.43
CA ALA D 116 -15.20 15.16 7.23
C ALA D 116 -15.56 15.31 5.75
N ASN D 117 -14.63 14.96 4.86
CA ASN D 117 -14.87 15.05 3.41
C ASN D 117 -15.79 13.92 2.91
N GLU D 118 -16.34 14.09 1.70
CA GLU D 118 -17.19 13.05 1.09
C GLU D 118 -16.41 11.74 0.99
N ASN D 119 -15.14 11.85 0.65
CA ASN D 119 -14.23 10.72 0.80
C ASN D 119 -13.04 11.11 1.65
N SER D 120 -12.78 10.34 2.69
CA SER D 120 -11.77 10.70 3.67
C SER D 120 -10.33 10.22 3.34
N THR D 121 -10.14 9.53 2.22
CA THR D 121 -8.81 9.09 1.86
C THR D 121 -7.96 10.33 1.65
N PHE D 122 -6.84 10.46 2.33
N PHE D 122 -6.76 10.29 2.23
CA PHE D 122 -6.04 11.66 2.07
CA PHE D 122 -5.80 11.41 2.26
C PHE D 122 -4.86 11.41 1.16
C PHE D 122 -4.84 11.32 1.06
N HIS D 123 -4.62 12.41 0.32
CA HIS D 123 -3.75 12.34 -0.82
C HIS D 123 -2.44 13.13 -0.56
N CYS D 124 -2.61 14.38 -0.14
CA CYS D 124 -1.47 15.28 0.15
C CYS D 124 -1.98 16.43 0.99
N THR D 125 -1.04 17.26 1.49
CA THR D 125 -1.35 18.42 2.33
C THR D 125 -0.87 19.70 1.65
N THR D 126 -1.70 20.75 1.74
CA THR D 126 -1.35 22.10 1.26
C THR D 126 -1.01 23.00 2.46
N SER D 127 -0.33 24.10 2.18
CA SER D 127 0.11 25.03 3.21
C SER D 127 -0.37 26.43 2.81
N VAL D 128 -1.55 26.81 3.30
CA VAL D 128 -2.24 28.00 2.82
C VAL D 128 -2.00 29.19 3.77
N LEU D 129 -1.47 30.28 3.23
CA LEU D 129 -1.21 31.48 4.04
C LEU D 129 -2.51 32.19 4.33
N VAL D 130 -2.81 32.35 5.60
CA VAL D 130 -4.03 33.03 6.03
C VAL D 130 -3.74 34.52 6.23
N GLY D 131 -2.69 34.81 6.99
CA GLY D 131 -2.36 36.19 7.33
C GLY D 131 -1.32 36.26 8.44
N LEU D 132 -1.11 37.46 8.98
CA LEU D 132 -0.10 37.67 10.03
C LEU D 132 -0.51 37.00 11.33
#